data_1SH1
# 
_entry.id   1SH1 
# 
_audit_conform.dict_name       mmcif_pdbx.dic 
_audit_conform.dict_version    5.397 
_audit_conform.dict_location   http://mmcif.pdb.org/dictionaries/ascii/mmcif_pdbx.dic 
# 
loop_
_database_2.database_id 
_database_2.database_code 
_database_2.pdbx_database_accession 
_database_2.pdbx_DOI 
PDB   1SH1         pdb_00001sh1 10.2210/pdb1sh1/pdb 
WWPDB D_1000176368 ?            ?                   
# 
loop_
_pdbx_audit_revision_history.ordinal 
_pdbx_audit_revision_history.data_content_type 
_pdbx_audit_revision_history.major_revision 
_pdbx_audit_revision_history.minor_revision 
_pdbx_audit_revision_history.revision_date 
1 'Structure model' 1 0 1991-10-15 
2 'Structure model' 1 1 2008-03-24 
3 'Structure model' 1 2 2011-07-13 
4 'Structure model' 1 3 2017-11-29 
5 'Structure model' 1 4 2020-08-26 
6 'Structure model' 1 5 2024-10-16 
# 
_pdbx_audit_revision_details.ordinal             1 
_pdbx_audit_revision_details.revision_ordinal    1 
_pdbx_audit_revision_details.data_content_type   'Structure model' 
_pdbx_audit_revision_details.provider            repository 
_pdbx_audit_revision_details.type                'Initial release' 
_pdbx_audit_revision_details.description         ? 
_pdbx_audit_revision_details.details             ? 
# 
loop_
_pdbx_audit_revision_group.ordinal 
_pdbx_audit_revision_group.revision_ordinal 
_pdbx_audit_revision_group.data_content_type 
_pdbx_audit_revision_group.group 
1  2 'Structure model' 'Version format compliance' 
2  3 'Structure model' 'Version format compliance' 
3  4 'Structure model' 'Derived calculations'      
4  4 'Structure model' Other                       
5  5 'Structure model' 'Database references'       
6  5 'Structure model' 'Derived calculations'      
7  5 'Structure model' 'Structure summary'         
8  6 'Structure model' 'Data collection'           
9  6 'Structure model' 'Database references'       
10 6 'Structure model' 'Structure summary'         
# 
loop_
_pdbx_audit_revision_category.ordinal 
_pdbx_audit_revision_category.revision_ordinal 
_pdbx_audit_revision_category.data_content_type 
_pdbx_audit_revision_category.category 
1  4 'Structure model' pdbx_database_status      
2  4 'Structure model' pdbx_struct_assembly      
3  4 'Structure model' pdbx_struct_oper_list     
4  4 'Structure model' struct_conf               
5  5 'Structure model' pdbx_database_related     
6  5 'Structure model' struct                    
7  5 'Structure model' struct_conn               
8  6 'Structure model' chem_comp_atom            
9  6 'Structure model' chem_comp_bond            
10 6 'Structure model' database_2                
11 6 'Structure model' pdbx_entry_details        
12 6 'Structure model' pdbx_modification_feature 
# 
loop_
_pdbx_audit_revision_item.ordinal 
_pdbx_audit_revision_item.revision_ordinal 
_pdbx_audit_revision_item.data_content_type 
_pdbx_audit_revision_item.item 
1 4 'Structure model' '_pdbx_database_status.process_site'  
2 5 'Structure model' '_pdbx_database_related.content_type' 
3 5 'Structure model' '_struct.title'                       
4 5 'Structure model' '_struct_conn.ptnr1_auth_seq_id'      
5 5 'Structure model' '_struct_conn.ptnr1_label_seq_id'     
6 5 'Structure model' '_struct_conn.ptnr2_auth_seq_id'      
7 5 'Structure model' '_struct_conn.ptnr2_label_seq_id'     
8 6 'Structure model' '_database_2.pdbx_DOI'                
9 6 'Structure model' '_database_2.pdbx_database_accession' 
# 
_pdbx_database_status.status_code                     REL 
_pdbx_database_status.entry_id                        1SH1 
_pdbx_database_status.recvd_initial_deposition_date   1990-05-03 
_pdbx_database_status.deposit_site                    ? 
_pdbx_database_status.process_site                    BNL 
_pdbx_database_status.status_code_sf                  ? 
_pdbx_database_status.status_code_mr                  REL 
_pdbx_database_status.SG_entry                        ? 
_pdbx_database_status.pdb_format_compatible           Y 
_pdbx_database_status.status_code_cs                  ? 
_pdbx_database_status.methods_development_category    ? 
_pdbx_database_status.status_code_nmr_data            ? 
# 
_pdbx_database_related.db_name        PDB 
_pdbx_database_related.db_id          2SH1 
_pdbx_database_related.details        . 
_pdbx_database_related.content_type   unspecified 
# 
loop_
_audit_author.name 
_audit_author.pdbx_ordinal 
_audit_author.identifier_ORCID 
'Fogh, R.H.'   1 ? 
'Norton, R.S.' 2 ? 
# 
loop_
_citation.id 
_citation.title 
_citation.journal_abbrev 
_citation.journal_volume 
_citation.page_first 
_citation.page_last 
_citation.year 
_citation.journal_id_ASTM 
_citation.country 
_citation.journal_id_ISSN 
_citation.journal_id_CSD 
_citation.book_publisher 
_citation.pdbx_database_id_PubMed 
_citation.pdbx_database_id_DOI 
primary 
;Solution structure of neurotoxin I from the sea anemone Stichodactyla helianthus. A nuclear magnetic resonance, distance geometry, and restrained molecular dynamics study.
;
J.Biol.Chem. 265 13016 13028 1990 JBCHA3 US 0021-9258 0071 ? 1973932 ? 
1       
'Sequence-Specific 1H NMR Assignments and Secondary Structure in the Sea Anemone Polypeptide Stichodactyla Helianthus Neurotoxin I' 
Biochemistry 28  1826  ?     1989 BICHAW US 0006-2960 0033 ? ?       ? 
# 
loop_
_citation_author.citation_id 
_citation_author.name 
_citation_author.ordinal 
_citation_author.identifier_ORCID 
primary 'Fogh, R.H.'    1 ? 
primary 'Kem, W.R.'     2 ? 
primary 'Norton, R.S.'  3 ? 
1       'Fogh, R.H.'    4 ? 
1       'Mabbutt, B.C.' 5 ? 
1       'Kem, W.R.'     6 ? 
1       'Norton, R.S.'  7 ? 
# 
_entity.id                         1 
_entity.type                       polymer 
_entity.src_method                 man 
_entity.pdbx_description           'NEUROTOXIN I' 
_entity.formula_weight             5149.879 
_entity.pdbx_number_of_molecules   1 
_entity.pdbx_ec                    ? 
_entity.pdbx_mutation              ? 
_entity.pdbx_fragment              ? 
_entity.details                    ? 
# 
_entity_poly.entity_id                      1 
_entity_poly.type                           'polypeptide(L)' 
_entity_poly.nstd_linkage                   no 
_entity_poly.nstd_monomer                   no 
_entity_poly.pdbx_seq_one_letter_code       AACKCDDEGPDIRTAPLTGTVDLGSCNAGWEKCASYYTIIADCCRKKK 
_entity_poly.pdbx_seq_one_letter_code_can   AACKCDDEGPDIRTAPLTGTVDLGSCNAGWEKCASYYTIIADCCRKKK 
_entity_poly.pdbx_strand_id                 A 
_entity_poly.pdbx_target_identifier         ? 
# 
loop_
_entity_poly_seq.entity_id 
_entity_poly_seq.num 
_entity_poly_seq.mon_id 
_entity_poly_seq.hetero 
1 1  ALA n 
1 2  ALA n 
1 3  CYS n 
1 4  LYS n 
1 5  CYS n 
1 6  ASP n 
1 7  ASP n 
1 8  GLU n 
1 9  GLY n 
1 10 PRO n 
1 11 ASP n 
1 12 ILE n 
1 13 ARG n 
1 14 THR n 
1 15 ALA n 
1 16 PRO n 
1 17 LEU n 
1 18 THR n 
1 19 GLY n 
1 20 THR n 
1 21 VAL n 
1 22 ASP n 
1 23 LEU n 
1 24 GLY n 
1 25 SER n 
1 26 CYS n 
1 27 ASN n 
1 28 ALA n 
1 29 GLY n 
1 30 TRP n 
1 31 GLU n 
1 32 LYS n 
1 33 CYS n 
1 34 ALA n 
1 35 SER n 
1 36 TYR n 
1 37 TYR n 
1 38 THR n 
1 39 ILE n 
1 40 ILE n 
1 41 ALA n 
1 42 ASP n 
1 43 CYS n 
1 44 CYS n 
1 45 ARG n 
1 46 LYS n 
1 47 LYS n 
1 48 LYS n 
# 
_entity_src_gen.entity_id                          1 
_entity_src_gen.pdbx_src_id                        1 
_entity_src_gen.pdbx_alt_source_flag               sample 
_entity_src_gen.pdbx_seq_type                      ? 
_entity_src_gen.pdbx_beg_seq_num                   ? 
_entity_src_gen.pdbx_end_seq_num                   ? 
_entity_src_gen.gene_src_common_name               ? 
_entity_src_gen.gene_src_genus                     Stichodactyla 
_entity_src_gen.pdbx_gene_src_gene                 ? 
_entity_src_gen.gene_src_species                   ? 
_entity_src_gen.gene_src_strain                    ? 
_entity_src_gen.gene_src_tissue                    ? 
_entity_src_gen.gene_src_tissue_fraction           ? 
_entity_src_gen.gene_src_details                   ? 
_entity_src_gen.pdbx_gene_src_fragment             ? 
_entity_src_gen.pdbx_gene_src_scientific_name      'Stichodactyla helianthus' 
_entity_src_gen.pdbx_gene_src_ncbi_taxonomy_id     6123 
_entity_src_gen.pdbx_gene_src_variant              ? 
_entity_src_gen.pdbx_gene_src_cell_line            ? 
_entity_src_gen.pdbx_gene_src_atcc                 ? 
_entity_src_gen.pdbx_gene_src_organ                ? 
_entity_src_gen.pdbx_gene_src_organelle            ? 
_entity_src_gen.pdbx_gene_src_cell                 ? 
_entity_src_gen.pdbx_gene_src_cellular_location    ? 
_entity_src_gen.host_org_common_name               ? 
_entity_src_gen.pdbx_host_org_scientific_name      ? 
_entity_src_gen.pdbx_host_org_ncbi_taxonomy_id     ? 
_entity_src_gen.host_org_genus                     ? 
_entity_src_gen.pdbx_host_org_gene                 ? 
_entity_src_gen.pdbx_host_org_organ                ? 
_entity_src_gen.host_org_species                   ? 
_entity_src_gen.pdbx_host_org_tissue               ? 
_entity_src_gen.pdbx_host_org_tissue_fraction      ? 
_entity_src_gen.pdbx_host_org_strain               ? 
_entity_src_gen.pdbx_host_org_variant              ? 
_entity_src_gen.pdbx_host_org_cell_line            ? 
_entity_src_gen.pdbx_host_org_atcc                 ? 
_entity_src_gen.pdbx_host_org_culture_collection   ? 
_entity_src_gen.pdbx_host_org_cell                 ? 
_entity_src_gen.pdbx_host_org_organelle            ? 
_entity_src_gen.pdbx_host_org_cellular_location    ? 
_entity_src_gen.pdbx_host_org_vector_type          ? 
_entity_src_gen.pdbx_host_org_vector               ? 
_entity_src_gen.host_org_details                   ? 
_entity_src_gen.expression_system_id               ? 
_entity_src_gen.plasmid_name                       ? 
_entity_src_gen.plasmid_details                    ? 
_entity_src_gen.pdbx_description                   ? 
# 
loop_
_chem_comp.id 
_chem_comp.type 
_chem_comp.mon_nstd_flag 
_chem_comp.name 
_chem_comp.pdbx_synonyms 
_chem_comp.formula 
_chem_comp.formula_weight 
ALA 'L-peptide linking' y ALANINE         ? 'C3 H7 N O2'     89.093  
ARG 'L-peptide linking' y ARGININE        ? 'C6 H15 N4 O2 1' 175.209 
ASN 'L-peptide linking' y ASPARAGINE      ? 'C4 H8 N2 O3'    132.118 
ASP 'L-peptide linking' y 'ASPARTIC ACID' ? 'C4 H7 N O4'     133.103 
CYS 'L-peptide linking' y CYSTEINE        ? 'C3 H7 N O2 S'   121.158 
GLU 'L-peptide linking' y 'GLUTAMIC ACID' ? 'C5 H9 N O4'     147.129 
GLY 'peptide linking'   y GLYCINE         ? 'C2 H5 N O2'     75.067  
ILE 'L-peptide linking' y ISOLEUCINE      ? 'C6 H13 N O2'    131.173 
LEU 'L-peptide linking' y LEUCINE         ? 'C6 H13 N O2'    131.173 
LYS 'L-peptide linking' y LYSINE          ? 'C6 H15 N2 O2 1' 147.195 
PRO 'L-peptide linking' y PROLINE         ? 'C5 H9 N O2'     115.130 
SER 'L-peptide linking' y SERINE          ? 'C3 H7 N O3'     105.093 
THR 'L-peptide linking' y THREONINE       ? 'C4 H9 N O3'     119.119 
TRP 'L-peptide linking' y TRYPTOPHAN      ? 'C11 H12 N2 O2'  204.225 
TYR 'L-peptide linking' y TYROSINE        ? 'C9 H11 N O3'    181.189 
VAL 'L-peptide linking' y VALINE          ? 'C5 H11 N O2'    117.146 
# 
loop_
_pdbx_poly_seq_scheme.asym_id 
_pdbx_poly_seq_scheme.entity_id 
_pdbx_poly_seq_scheme.seq_id 
_pdbx_poly_seq_scheme.mon_id 
_pdbx_poly_seq_scheme.ndb_seq_num 
_pdbx_poly_seq_scheme.pdb_seq_num 
_pdbx_poly_seq_scheme.auth_seq_num 
_pdbx_poly_seq_scheme.pdb_mon_id 
_pdbx_poly_seq_scheme.auth_mon_id 
_pdbx_poly_seq_scheme.pdb_strand_id 
_pdbx_poly_seq_scheme.pdb_ins_code 
_pdbx_poly_seq_scheme.hetero 
A 1 1  ALA 1  1  1  ALA ALA A . n 
A 1 2  ALA 2  2  2  ALA ALA A . n 
A 1 3  CYS 3  3  3  CYS CYS A . n 
A 1 4  LYS 4  4  4  LYS LYS A . n 
A 1 5  CYS 5  5  5  CYS CYS A . n 
A 1 6  ASP 6  6  6  ASP ASP A . n 
A 1 7  ASP 7  7  7  ASP ASP A . n 
A 1 8  GLU 8  8  8  GLU GLU A . n 
A 1 9  GLY 9  9  9  GLY GLY A . n 
A 1 10 PRO 10 10 10 PRO PRO A . n 
A 1 11 ASP 11 11 11 ASP ASP A . n 
A 1 12 ILE 12 12 12 ILE ILE A . n 
A 1 13 ARG 13 13 13 ARG ARG A . n 
A 1 14 THR 14 14 14 THR THR A . n 
A 1 15 ALA 15 15 15 ALA ALA A . n 
A 1 16 PRO 16 16 16 PRO PRO A . n 
A 1 17 LEU 17 17 17 LEU LEU A . n 
A 1 18 THR 18 18 18 THR THR A . n 
A 1 19 GLY 19 19 19 GLY GLY A . n 
A 1 20 THR 20 20 20 THR THR A . n 
A 1 21 VAL 21 21 21 VAL VAL A . n 
A 1 22 ASP 22 22 22 ASP ASP A . n 
A 1 23 LEU 23 23 23 LEU LEU A . n 
A 1 24 GLY 24 24 24 GLY GLY A . n 
A 1 25 SER 25 25 25 SER SER A . n 
A 1 26 CYS 26 26 26 CYS CYS A . n 
A 1 27 ASN 27 27 27 ASN ASN A . n 
A 1 28 ALA 28 28 28 ALA ALA A . n 
A 1 29 GLY 29 29 29 GLY GLY A . n 
A 1 30 TRP 30 30 30 TRP TRP A . n 
A 1 31 GLU 31 31 31 GLU GLU A . n 
A 1 32 LYS 32 32 32 LYS LYS A . n 
A 1 33 CYS 33 33 33 CYS CYS A . n 
A 1 34 ALA 34 34 34 ALA ALA A . n 
A 1 35 SER 35 35 35 SER SER A . n 
A 1 36 TYR 36 36 36 TYR TYR A . n 
A 1 37 TYR 37 37 37 TYR TYR A . n 
A 1 38 THR 38 38 38 THR THR A . n 
A 1 39 ILE 39 39 39 ILE ILE A . n 
A 1 40 ILE 40 40 40 ILE ILE A . n 
A 1 41 ALA 41 41 41 ALA ALA A . n 
A 1 42 ASP 42 42 42 ASP ASP A . n 
A 1 43 CYS 43 43 43 CYS CYS A . n 
A 1 44 CYS 44 44 44 CYS CYS A . n 
A 1 45 ARG 45 45 45 ARG ARG A . n 
A 1 46 LYS 46 46 46 LYS LYS A . n 
A 1 47 LYS 47 47 47 LYS LYS A . n 
A 1 48 LYS 48 48 48 LYS LYS A . n 
# 
_cell.entry_id           1SH1 
_cell.length_a           1.000 
_cell.length_b           1.000 
_cell.length_c           1.000 
_cell.angle_alpha        90.00 
_cell.angle_beta         90.00 
_cell.angle_gamma        90.00 
_cell.Z_PDB              1 
_cell.pdbx_unique_axis   ? 
# 
_symmetry.entry_id                         1SH1 
_symmetry.space_group_name_H-M             'P 1' 
_symmetry.pdbx_full_space_group_name_H-M   ? 
_symmetry.cell_setting                     ? 
_symmetry.Int_Tables_number                1 
# 
_exptl.entry_id          1SH1 
_exptl.method            'SOLUTION NMR' 
_exptl.crystals_number   ? 
# 
_struct.entry_id                  1SH1 
_struct.title                     
;SOLUTION STRUCTURE OF NEUROTOXIN I FROM THE SEA ANEMONE STICHODACTYLA HELIANTHUS. A NUCLEAR MAGNETIC RESONANCE, DISTANCE GEOMETRY AND RESTRAINED MOLECULAR DYNAMICS STUDY
;
_struct.pdbx_model_details        ? 
_struct.pdbx_CASP_flag            ? 
_struct.pdbx_model_type_details   ? 
# 
_struct_keywords.entry_id        1SH1 
_struct_keywords.pdbx_keywords   NEUROTOXIN 
_struct_keywords.text            NEUROTOXIN 
# 
_struct_asym.id                            A 
_struct_asym.pdbx_blank_PDB_chainid_flag   Y 
_struct_asym.pdbx_modified                 N 
_struct_asym.entity_id                     1 
_struct_asym.details                       ? 
# 
_struct_ref.id                         1 
_struct_ref.db_name                    UNP 
_struct_ref.db_code                    TXA1_STOHE 
_struct_ref.entity_id                  1 
_struct_ref.pdbx_db_accession          P19651 
_struct_ref.pdbx_align_begin           1 
_struct_ref.pdbx_seq_one_letter_code   AACKCDDEGPDIRTAPLTGTVDLGSCNAGWEKCASYYTIIADCCRKKK 
_struct_ref.pdbx_db_isoform            ? 
# 
_struct_ref_seq.align_id                      1 
_struct_ref_seq.ref_id                        1 
_struct_ref_seq.pdbx_PDB_id_code              1SH1 
_struct_ref_seq.pdbx_strand_id                A 
_struct_ref_seq.seq_align_beg                 1 
_struct_ref_seq.pdbx_seq_align_beg_ins_code   ? 
_struct_ref_seq.seq_align_end                 48 
_struct_ref_seq.pdbx_seq_align_end_ins_code   ? 
_struct_ref_seq.pdbx_db_accession             P19651 
_struct_ref_seq.db_align_beg                  1 
_struct_ref_seq.pdbx_db_align_beg_ins_code    ? 
_struct_ref_seq.db_align_end                  48 
_struct_ref_seq.pdbx_db_align_end_ins_code    ? 
_struct_ref_seq.pdbx_auth_seq_align_beg       1 
_struct_ref_seq.pdbx_auth_seq_align_end       48 
# 
_pdbx_struct_assembly.id                   1 
_pdbx_struct_assembly.details              author_defined_assembly 
_pdbx_struct_assembly.method_details       ? 
_pdbx_struct_assembly.oligomeric_details   monomeric 
_pdbx_struct_assembly.oligomeric_count     1 
# 
_pdbx_struct_assembly_gen.assembly_id       1 
_pdbx_struct_assembly_gen.oper_expression   1 
_pdbx_struct_assembly_gen.asym_id_list      A 
# 
_pdbx_struct_oper_list.id                   1 
_pdbx_struct_oper_list.type                 'identity operation' 
_pdbx_struct_oper_list.name                 1_555 
_pdbx_struct_oper_list.symmetry_operation   ? 
_pdbx_struct_oper_list.matrix[1][1]         1.0000000000 
_pdbx_struct_oper_list.matrix[1][2]         0.0000000000 
_pdbx_struct_oper_list.matrix[1][3]         0.0000000000 
_pdbx_struct_oper_list.vector[1]            0.0000000000 
_pdbx_struct_oper_list.matrix[2][1]         0.0000000000 
_pdbx_struct_oper_list.matrix[2][2]         1.0000000000 
_pdbx_struct_oper_list.matrix[2][3]         0.0000000000 
_pdbx_struct_oper_list.vector[2]            0.0000000000 
_pdbx_struct_oper_list.matrix[3][1]         0.0000000000 
_pdbx_struct_oper_list.matrix[3][2]         0.0000000000 
_pdbx_struct_oper_list.matrix[3][3]         1.0000000000 
_pdbx_struct_oper_list.vector[3]            0.0000000000 
# 
loop_
_struct_conn.id 
_struct_conn.conn_type_id 
_struct_conn.pdbx_leaving_atom_flag 
_struct_conn.pdbx_PDB_id 
_struct_conn.ptnr1_label_asym_id 
_struct_conn.ptnr1_label_comp_id 
_struct_conn.ptnr1_label_seq_id 
_struct_conn.ptnr1_label_atom_id 
_struct_conn.pdbx_ptnr1_label_alt_id 
_struct_conn.pdbx_ptnr1_PDB_ins_code 
_struct_conn.pdbx_ptnr1_standard_comp_id 
_struct_conn.ptnr1_symmetry 
_struct_conn.ptnr2_label_asym_id 
_struct_conn.ptnr2_label_comp_id 
_struct_conn.ptnr2_label_seq_id 
_struct_conn.ptnr2_label_atom_id 
_struct_conn.pdbx_ptnr2_label_alt_id 
_struct_conn.pdbx_ptnr2_PDB_ins_code 
_struct_conn.ptnr1_auth_asym_id 
_struct_conn.ptnr1_auth_comp_id 
_struct_conn.ptnr1_auth_seq_id 
_struct_conn.ptnr2_auth_asym_id 
_struct_conn.ptnr2_auth_comp_id 
_struct_conn.ptnr2_auth_seq_id 
_struct_conn.ptnr2_symmetry 
_struct_conn.pdbx_ptnr3_label_atom_id 
_struct_conn.pdbx_ptnr3_label_seq_id 
_struct_conn.pdbx_ptnr3_label_comp_id 
_struct_conn.pdbx_ptnr3_label_asym_id 
_struct_conn.pdbx_ptnr3_label_alt_id 
_struct_conn.pdbx_ptnr3_PDB_ins_code 
_struct_conn.details 
_struct_conn.pdbx_dist_value 
_struct_conn.pdbx_value_order 
_struct_conn.pdbx_role 
disulf1 disulf ? ? A CYS 3  SG ? ? ? 1_555 A CYS 43 SG ? ? A CYS 3  A CYS 43 1_555 ? ? ? ? ? ? ? 2.045 ? ? 
disulf2 disulf ? ? A CYS 5  SG ? ? ? 1_555 A CYS 33 SG ? ? A CYS 5  A CYS 33 1_555 ? ? ? ? ? ? ? 2.045 ? ? 
disulf3 disulf ? ? A CYS 26 SG ? ? ? 1_555 A CYS 44 SG ? ? A CYS 26 A CYS 44 1_555 ? ? ? ? ? ? ? 2.039 ? ? 
# 
_struct_conn_type.id          disulf 
_struct_conn_type.criteria    ? 
_struct_conn_type.reference   ? 
# 
loop_
_pdbx_modification_feature.ordinal 
_pdbx_modification_feature.label_comp_id 
_pdbx_modification_feature.label_asym_id 
_pdbx_modification_feature.label_seq_id 
_pdbx_modification_feature.label_alt_id 
_pdbx_modification_feature.modified_residue_label_comp_id 
_pdbx_modification_feature.modified_residue_label_asym_id 
_pdbx_modification_feature.modified_residue_label_seq_id 
_pdbx_modification_feature.modified_residue_label_alt_id 
_pdbx_modification_feature.auth_comp_id 
_pdbx_modification_feature.auth_asym_id 
_pdbx_modification_feature.auth_seq_id 
_pdbx_modification_feature.PDB_ins_code 
_pdbx_modification_feature.symmetry 
_pdbx_modification_feature.modified_residue_auth_comp_id 
_pdbx_modification_feature.modified_residue_auth_asym_id 
_pdbx_modification_feature.modified_residue_auth_seq_id 
_pdbx_modification_feature.modified_residue_PDB_ins_code 
_pdbx_modification_feature.modified_residue_symmetry 
_pdbx_modification_feature.comp_id_linking_atom 
_pdbx_modification_feature.modified_residue_id_linking_atom 
_pdbx_modification_feature.modified_residue_id 
_pdbx_modification_feature.ref_pcm_id 
_pdbx_modification_feature.ref_comp_id 
_pdbx_modification_feature.type 
_pdbx_modification_feature.category 
1 CYS A 3  ? CYS A 43 ? CYS A 3  ? 1_555 CYS A 43 ? 1_555 SG SG . . . None 'Disulfide bridge' 
2 CYS A 5  ? CYS A 33 ? CYS A 5  ? 1_555 CYS A 33 ? 1_555 SG SG . . . None 'Disulfide bridge' 
3 CYS A 26 ? CYS A 44 ? CYS A 26 ? 1_555 CYS A 44 ? 1_555 SG SG . . . None 'Disulfide bridge' 
# 
loop_
_struct_sheet.id 
_struct_sheet.type 
_struct_sheet.number_strands 
_struct_sheet.details 
S1A ? 4 ? 
S1B ? 4 ? 
# 
loop_
_struct_sheet_order.sheet_id 
_struct_sheet_order.range_id_1 
_struct_sheet_order.range_id_2 
_struct_sheet_order.offset 
_struct_sheet_order.sense 
S1A 1 2 ? anti-parallel 
S1A 2 3 ? anti-parallel 
S1A 3 4 ? anti-parallel 
S1B 1 2 ? anti-parallel 
S1B 2 3 ? anti-parallel 
S1B 3 4 ? anti-parallel 
# 
loop_
_struct_sheet_range.sheet_id 
_struct_sheet_range.id 
_struct_sheet_range.beg_label_comp_id 
_struct_sheet_range.beg_label_asym_id 
_struct_sheet_range.beg_label_seq_id 
_struct_sheet_range.pdbx_beg_PDB_ins_code 
_struct_sheet_range.end_label_comp_id 
_struct_sheet_range.end_label_asym_id 
_struct_sheet_range.end_label_seq_id 
_struct_sheet_range.pdbx_end_PDB_ins_code 
_struct_sheet_range.beg_auth_comp_id 
_struct_sheet_range.beg_auth_asym_id 
_struct_sheet_range.beg_auth_seq_id 
_struct_sheet_range.end_auth_comp_id 
_struct_sheet_range.end_auth_asym_id 
_struct_sheet_range.end_auth_seq_id 
S1A 1 ALA A 1  ? CYS A 3  ? ALA A 1  CYS A 3  
S1A 2 GLY A 19 ? GLY A 24 ? GLY A 19 GLY A 24 
S1A 3 ILE A 40 ? LYS A 47 ? ILE A 40 LYS A 47 
S1A 4 GLY A 29 ? CYS A 33 ? GLY A 29 CYS A 33 
S1B 1 ALA A 1  ? CYS A 3  ? ALA A 1  CYS A 3  
S1B 2 GLY A 19 ? GLY A 24 ? GLY A 19 GLY A 24 
S1B 3 ILE A 40 ? LYS A 47 ? ILE A 40 LYS A 47 
S1B 4 ALA A 34 ? ALA A 34 ? ALA A 34 ALA A 34 
# 
loop_
_pdbx_struct_sheet_hbond.sheet_id 
_pdbx_struct_sheet_hbond.range_id_1 
_pdbx_struct_sheet_hbond.range_id_2 
_pdbx_struct_sheet_hbond.range_1_label_atom_id 
_pdbx_struct_sheet_hbond.range_1_label_comp_id 
_pdbx_struct_sheet_hbond.range_1_label_asym_id 
_pdbx_struct_sheet_hbond.range_1_label_seq_id 
_pdbx_struct_sheet_hbond.range_1_PDB_ins_code 
_pdbx_struct_sheet_hbond.range_1_auth_atom_id 
_pdbx_struct_sheet_hbond.range_1_auth_comp_id 
_pdbx_struct_sheet_hbond.range_1_auth_asym_id 
_pdbx_struct_sheet_hbond.range_1_auth_seq_id 
_pdbx_struct_sheet_hbond.range_2_label_atom_id 
_pdbx_struct_sheet_hbond.range_2_label_comp_id 
_pdbx_struct_sheet_hbond.range_2_label_asym_id 
_pdbx_struct_sheet_hbond.range_2_label_seq_id 
_pdbx_struct_sheet_hbond.range_2_PDB_ins_code 
_pdbx_struct_sheet_hbond.range_2_auth_atom_id 
_pdbx_struct_sheet_hbond.range_2_auth_comp_id 
_pdbx_struct_sheet_hbond.range_2_auth_asym_id 
_pdbx_struct_sheet_hbond.range_2_auth_seq_id 
S1A 1 2 N CYS A 3  ? N CYS A 3  O GLY A 19 ? O GLY A 19 
S1A 2 3 N THR A 20 ? N THR A 20 O CYS A 44 ? O CYS A 44 
S1A 3 4 O CYS A 43 ? O CYS A 43 N CYS A 33 ? N CYS A 33 
S1B 1 2 N CYS A 3  ? N CYS A 3  O GLY A 19 ? O GLY A 19 
S1B 2 3 N THR A 20 ? N THR A 20 O CYS A 44 ? O CYS A 44 
S1B 3 4 O CYS A 43 ? O CYS A 43 N ALA A 34 ? N ALA A 34 
# 
_pdbx_entry_details.entry_id                   1SH1 
_pdbx_entry_details.compound_details           ? 
_pdbx_entry_details.source_details             ? 
_pdbx_entry_details.nonpolymer_details         ? 
_pdbx_entry_details.sequence_details           ? 
_pdbx_entry_details.has_ligand_of_interest     ? 
_pdbx_entry_details.has_protein_modification   Y 
# 
loop_
_pdbx_validate_rmsd_angle.id 
_pdbx_validate_rmsd_angle.PDB_model_num 
_pdbx_validate_rmsd_angle.auth_atom_id_1 
_pdbx_validate_rmsd_angle.auth_asym_id_1 
_pdbx_validate_rmsd_angle.auth_comp_id_1 
_pdbx_validate_rmsd_angle.auth_seq_id_1 
_pdbx_validate_rmsd_angle.PDB_ins_code_1 
_pdbx_validate_rmsd_angle.label_alt_id_1 
_pdbx_validate_rmsd_angle.auth_atom_id_2 
_pdbx_validate_rmsd_angle.auth_asym_id_2 
_pdbx_validate_rmsd_angle.auth_comp_id_2 
_pdbx_validate_rmsd_angle.auth_seq_id_2 
_pdbx_validate_rmsd_angle.PDB_ins_code_2 
_pdbx_validate_rmsd_angle.label_alt_id_2 
_pdbx_validate_rmsd_angle.auth_atom_id_3 
_pdbx_validate_rmsd_angle.auth_asym_id_3 
_pdbx_validate_rmsd_angle.auth_comp_id_3 
_pdbx_validate_rmsd_angle.auth_seq_id_3 
_pdbx_validate_rmsd_angle.PDB_ins_code_3 
_pdbx_validate_rmsd_angle.label_alt_id_3 
_pdbx_validate_rmsd_angle.angle_value 
_pdbx_validate_rmsd_angle.angle_target_value 
_pdbx_validate_rmsd_angle.angle_deviation 
_pdbx_validate_rmsd_angle.angle_standard_deviation 
_pdbx_validate_rmsd_angle.linker_flag 
1 1 CB A TYR 36 ? ? CG A TYR 36 ? ? CD2 A TYR 36 ? ? 117.03 121.00 -3.97 0.60 N 
2 1 CB A TYR 37 ? ? CG A TYR 37 ? ? CD2 A TYR 37 ? ? 117.32 121.00 -3.68 0.60 N 
# 
loop_
_pdbx_validate_torsion.id 
_pdbx_validate_torsion.PDB_model_num 
_pdbx_validate_torsion.auth_comp_id 
_pdbx_validate_torsion.auth_asym_id 
_pdbx_validate_torsion.auth_seq_id 
_pdbx_validate_torsion.PDB_ins_code 
_pdbx_validate_torsion.label_alt_id 
_pdbx_validate_torsion.phi 
_pdbx_validate_torsion.psi 
1 1 THR A 14 ? ? -125.30 -83.13  
2 1 SER A 25 ? ? -122.05 -167.62 
3 1 TYR A 37 ? ? -121.05 -76.05  
4 1 ILE A 39 ? ? -7.01   -75.38  
# 
_pdbx_validate_planes.id              1 
_pdbx_validate_planes.PDB_model_num   1 
_pdbx_validate_planes.auth_comp_id    TYR 
_pdbx_validate_planes.auth_asym_id    A 
_pdbx_validate_planes.auth_seq_id     37 
_pdbx_validate_planes.PDB_ins_code    ? 
_pdbx_validate_planes.label_alt_id    ? 
_pdbx_validate_planes.rmsd            0.083 
_pdbx_validate_planes.type            'SIDE CHAIN' 
# 
_pdbx_nmr_ensemble.entry_id                             1SH1 
_pdbx_nmr_ensemble.conformers_calculated_total_number   ? 
_pdbx_nmr_ensemble.conformers_submitted_total_number    1 
_pdbx_nmr_ensemble.conformer_selection_criteria         ? 
# 
loop_
_pdbx_nmr_software.classification 
_pdbx_nmr_software.name 
_pdbx_nmr_software.version 
_pdbx_nmr_software.authors 
_pdbx_nmr_software.ordinal 
refinement DISMAN    ? BRAUN,GO                  1 
refinement DISGEO    ? HAVEL,WUTHRICH            2 
refinement GROMOS-87 ? 'VAN GUNSTEREN,BERENDSEN' 3 
# 
loop_
_chem_comp_atom.comp_id 
_chem_comp_atom.atom_id 
_chem_comp_atom.type_symbol 
_chem_comp_atom.pdbx_aromatic_flag 
_chem_comp_atom.pdbx_stereo_config 
_chem_comp_atom.pdbx_ordinal 
ALA N    N N N 1   
ALA CA   C N S 2   
ALA C    C N N 3   
ALA O    O N N 4   
ALA CB   C N N 5   
ALA OXT  O N N 6   
ALA H    H N N 7   
ALA H2   H N N 8   
ALA HA   H N N 9   
ALA HB1  H N N 10  
ALA HB2  H N N 11  
ALA HB3  H N N 12  
ALA HXT  H N N 13  
ARG N    N N N 14  
ARG CA   C N S 15  
ARG C    C N N 16  
ARG O    O N N 17  
ARG CB   C N N 18  
ARG CG   C N N 19  
ARG CD   C N N 20  
ARG NE   N N N 21  
ARG CZ   C N N 22  
ARG NH1  N N N 23  
ARG NH2  N N N 24  
ARG OXT  O N N 25  
ARG H    H N N 26  
ARG H2   H N N 27  
ARG HA   H N N 28  
ARG HB2  H N N 29  
ARG HB3  H N N 30  
ARG HG2  H N N 31  
ARG HG3  H N N 32  
ARG HD2  H N N 33  
ARG HD3  H N N 34  
ARG HE   H N N 35  
ARG HH11 H N N 36  
ARG HH12 H N N 37  
ARG HH21 H N N 38  
ARG HH22 H N N 39  
ARG HXT  H N N 40  
ASN N    N N N 41  
ASN CA   C N S 42  
ASN C    C N N 43  
ASN O    O N N 44  
ASN CB   C N N 45  
ASN CG   C N N 46  
ASN OD1  O N N 47  
ASN ND2  N N N 48  
ASN OXT  O N N 49  
ASN H    H N N 50  
ASN H2   H N N 51  
ASN HA   H N N 52  
ASN HB2  H N N 53  
ASN HB3  H N N 54  
ASN HD21 H N N 55  
ASN HD22 H N N 56  
ASN HXT  H N N 57  
ASP N    N N N 58  
ASP CA   C N S 59  
ASP C    C N N 60  
ASP O    O N N 61  
ASP CB   C N N 62  
ASP CG   C N N 63  
ASP OD1  O N N 64  
ASP OD2  O N N 65  
ASP OXT  O N N 66  
ASP H    H N N 67  
ASP H2   H N N 68  
ASP HA   H N N 69  
ASP HB2  H N N 70  
ASP HB3  H N N 71  
ASP HD2  H N N 72  
ASP HXT  H N N 73  
CYS N    N N N 74  
CYS CA   C N R 75  
CYS C    C N N 76  
CYS O    O N N 77  
CYS CB   C N N 78  
CYS SG   S N N 79  
CYS OXT  O N N 80  
CYS H    H N N 81  
CYS H2   H N N 82  
CYS HA   H N N 83  
CYS HB2  H N N 84  
CYS HB3  H N N 85  
CYS HG   H N N 86  
CYS HXT  H N N 87  
GLU N    N N N 88  
GLU CA   C N S 89  
GLU C    C N N 90  
GLU O    O N N 91  
GLU CB   C N N 92  
GLU CG   C N N 93  
GLU CD   C N N 94  
GLU OE1  O N N 95  
GLU OE2  O N N 96  
GLU OXT  O N N 97  
GLU H    H N N 98  
GLU H2   H N N 99  
GLU HA   H N N 100 
GLU HB2  H N N 101 
GLU HB3  H N N 102 
GLU HG2  H N N 103 
GLU HG3  H N N 104 
GLU HE2  H N N 105 
GLU HXT  H N N 106 
GLY N    N N N 107 
GLY CA   C N N 108 
GLY C    C N N 109 
GLY O    O N N 110 
GLY OXT  O N N 111 
GLY H    H N N 112 
GLY H2   H N N 113 
GLY HA2  H N N 114 
GLY HA3  H N N 115 
GLY HXT  H N N 116 
ILE N    N N N 117 
ILE CA   C N S 118 
ILE C    C N N 119 
ILE O    O N N 120 
ILE CB   C N S 121 
ILE CG1  C N N 122 
ILE CG2  C N N 123 
ILE CD1  C N N 124 
ILE OXT  O N N 125 
ILE H    H N N 126 
ILE H2   H N N 127 
ILE HA   H N N 128 
ILE HB   H N N 129 
ILE HG12 H N N 130 
ILE HG13 H N N 131 
ILE HG21 H N N 132 
ILE HG22 H N N 133 
ILE HG23 H N N 134 
ILE HD11 H N N 135 
ILE HD12 H N N 136 
ILE HD13 H N N 137 
ILE HXT  H N N 138 
LEU N    N N N 139 
LEU CA   C N S 140 
LEU C    C N N 141 
LEU O    O N N 142 
LEU CB   C N N 143 
LEU CG   C N N 144 
LEU CD1  C N N 145 
LEU CD2  C N N 146 
LEU OXT  O N N 147 
LEU H    H N N 148 
LEU H2   H N N 149 
LEU HA   H N N 150 
LEU HB2  H N N 151 
LEU HB3  H N N 152 
LEU HG   H N N 153 
LEU HD11 H N N 154 
LEU HD12 H N N 155 
LEU HD13 H N N 156 
LEU HD21 H N N 157 
LEU HD22 H N N 158 
LEU HD23 H N N 159 
LEU HXT  H N N 160 
LYS N    N N N 161 
LYS CA   C N S 162 
LYS C    C N N 163 
LYS O    O N N 164 
LYS CB   C N N 165 
LYS CG   C N N 166 
LYS CD   C N N 167 
LYS CE   C N N 168 
LYS NZ   N N N 169 
LYS OXT  O N N 170 
LYS H    H N N 171 
LYS H2   H N N 172 
LYS HA   H N N 173 
LYS HB2  H N N 174 
LYS HB3  H N N 175 
LYS HG2  H N N 176 
LYS HG3  H N N 177 
LYS HD2  H N N 178 
LYS HD3  H N N 179 
LYS HE2  H N N 180 
LYS HE3  H N N 181 
LYS HZ1  H N N 182 
LYS HZ2  H N N 183 
LYS HZ3  H N N 184 
LYS HXT  H N N 185 
PRO N    N N N 186 
PRO CA   C N S 187 
PRO C    C N N 188 
PRO O    O N N 189 
PRO CB   C N N 190 
PRO CG   C N N 191 
PRO CD   C N N 192 
PRO OXT  O N N 193 
PRO H    H N N 194 
PRO HA   H N N 195 
PRO HB2  H N N 196 
PRO HB3  H N N 197 
PRO HG2  H N N 198 
PRO HG3  H N N 199 
PRO HD2  H N N 200 
PRO HD3  H N N 201 
PRO HXT  H N N 202 
SER N    N N N 203 
SER CA   C N S 204 
SER C    C N N 205 
SER O    O N N 206 
SER CB   C N N 207 
SER OG   O N N 208 
SER OXT  O N N 209 
SER H    H N N 210 
SER H2   H N N 211 
SER HA   H N N 212 
SER HB2  H N N 213 
SER HB3  H N N 214 
SER HG   H N N 215 
SER HXT  H N N 216 
THR N    N N N 217 
THR CA   C N S 218 
THR C    C N N 219 
THR O    O N N 220 
THR CB   C N R 221 
THR OG1  O N N 222 
THR CG2  C N N 223 
THR OXT  O N N 224 
THR H    H N N 225 
THR H2   H N N 226 
THR HA   H N N 227 
THR HB   H N N 228 
THR HG1  H N N 229 
THR HG21 H N N 230 
THR HG22 H N N 231 
THR HG23 H N N 232 
THR HXT  H N N 233 
TRP N    N N N 234 
TRP CA   C N S 235 
TRP C    C N N 236 
TRP O    O N N 237 
TRP CB   C N N 238 
TRP CG   C Y N 239 
TRP CD1  C Y N 240 
TRP CD2  C Y N 241 
TRP NE1  N Y N 242 
TRP CE2  C Y N 243 
TRP CE3  C Y N 244 
TRP CZ2  C Y N 245 
TRP CZ3  C Y N 246 
TRP CH2  C Y N 247 
TRP OXT  O N N 248 
TRP H    H N N 249 
TRP H2   H N N 250 
TRP HA   H N N 251 
TRP HB2  H N N 252 
TRP HB3  H N N 253 
TRP HD1  H N N 254 
TRP HE1  H N N 255 
TRP HE3  H N N 256 
TRP HZ2  H N N 257 
TRP HZ3  H N N 258 
TRP HH2  H N N 259 
TRP HXT  H N N 260 
TYR N    N N N 261 
TYR CA   C N S 262 
TYR C    C N N 263 
TYR O    O N N 264 
TYR CB   C N N 265 
TYR CG   C Y N 266 
TYR CD1  C Y N 267 
TYR CD2  C Y N 268 
TYR CE1  C Y N 269 
TYR CE2  C Y N 270 
TYR CZ   C Y N 271 
TYR OH   O N N 272 
TYR OXT  O N N 273 
TYR H    H N N 274 
TYR H2   H N N 275 
TYR HA   H N N 276 
TYR HB2  H N N 277 
TYR HB3  H N N 278 
TYR HD1  H N N 279 
TYR HD2  H N N 280 
TYR HE1  H N N 281 
TYR HE2  H N N 282 
TYR HH   H N N 283 
TYR HXT  H N N 284 
VAL N    N N N 285 
VAL CA   C N S 286 
VAL C    C N N 287 
VAL O    O N N 288 
VAL CB   C N N 289 
VAL CG1  C N N 290 
VAL CG2  C N N 291 
VAL OXT  O N N 292 
VAL H    H N N 293 
VAL H2   H N N 294 
VAL HA   H N N 295 
VAL HB   H N N 296 
VAL HG11 H N N 297 
VAL HG12 H N N 298 
VAL HG13 H N N 299 
VAL HG21 H N N 300 
VAL HG22 H N N 301 
VAL HG23 H N N 302 
VAL HXT  H N N 303 
# 
loop_
_chem_comp_bond.comp_id 
_chem_comp_bond.atom_id_1 
_chem_comp_bond.atom_id_2 
_chem_comp_bond.value_order 
_chem_comp_bond.pdbx_aromatic_flag 
_chem_comp_bond.pdbx_stereo_config 
_chem_comp_bond.pdbx_ordinal 
ALA N   CA   sing N N 1   
ALA N   H    sing N N 2   
ALA N   H2   sing N N 3   
ALA CA  C    sing N N 4   
ALA CA  CB   sing N N 5   
ALA CA  HA   sing N N 6   
ALA C   O    doub N N 7   
ALA C   OXT  sing N N 8   
ALA CB  HB1  sing N N 9   
ALA CB  HB2  sing N N 10  
ALA CB  HB3  sing N N 11  
ALA OXT HXT  sing N N 12  
ARG N   CA   sing N N 13  
ARG N   H    sing N N 14  
ARG N   H2   sing N N 15  
ARG CA  C    sing N N 16  
ARG CA  CB   sing N N 17  
ARG CA  HA   sing N N 18  
ARG C   O    doub N N 19  
ARG C   OXT  sing N N 20  
ARG CB  CG   sing N N 21  
ARG CB  HB2  sing N N 22  
ARG CB  HB3  sing N N 23  
ARG CG  CD   sing N N 24  
ARG CG  HG2  sing N N 25  
ARG CG  HG3  sing N N 26  
ARG CD  NE   sing N N 27  
ARG CD  HD2  sing N N 28  
ARG CD  HD3  sing N N 29  
ARG NE  CZ   sing N N 30  
ARG NE  HE   sing N N 31  
ARG CZ  NH1  sing N N 32  
ARG CZ  NH2  doub N N 33  
ARG NH1 HH11 sing N N 34  
ARG NH1 HH12 sing N N 35  
ARG NH2 HH21 sing N N 36  
ARG NH2 HH22 sing N N 37  
ARG OXT HXT  sing N N 38  
ASN N   CA   sing N N 39  
ASN N   H    sing N N 40  
ASN N   H2   sing N N 41  
ASN CA  C    sing N N 42  
ASN CA  CB   sing N N 43  
ASN CA  HA   sing N N 44  
ASN C   O    doub N N 45  
ASN C   OXT  sing N N 46  
ASN CB  CG   sing N N 47  
ASN CB  HB2  sing N N 48  
ASN CB  HB3  sing N N 49  
ASN CG  OD1  doub N N 50  
ASN CG  ND2  sing N N 51  
ASN ND2 HD21 sing N N 52  
ASN ND2 HD22 sing N N 53  
ASN OXT HXT  sing N N 54  
ASP N   CA   sing N N 55  
ASP N   H    sing N N 56  
ASP N   H2   sing N N 57  
ASP CA  C    sing N N 58  
ASP CA  CB   sing N N 59  
ASP CA  HA   sing N N 60  
ASP C   O    doub N N 61  
ASP C   OXT  sing N N 62  
ASP CB  CG   sing N N 63  
ASP CB  HB2  sing N N 64  
ASP CB  HB3  sing N N 65  
ASP CG  OD1  doub N N 66  
ASP CG  OD2  sing N N 67  
ASP OD2 HD2  sing N N 68  
ASP OXT HXT  sing N N 69  
CYS N   CA   sing N N 70  
CYS N   H    sing N N 71  
CYS N   H2   sing N N 72  
CYS CA  C    sing N N 73  
CYS CA  CB   sing N N 74  
CYS CA  HA   sing N N 75  
CYS C   O    doub N N 76  
CYS C   OXT  sing N N 77  
CYS CB  SG   sing N N 78  
CYS CB  HB2  sing N N 79  
CYS CB  HB3  sing N N 80  
CYS SG  HG   sing N N 81  
CYS OXT HXT  sing N N 82  
GLU N   CA   sing N N 83  
GLU N   H    sing N N 84  
GLU N   H2   sing N N 85  
GLU CA  C    sing N N 86  
GLU CA  CB   sing N N 87  
GLU CA  HA   sing N N 88  
GLU C   O    doub N N 89  
GLU C   OXT  sing N N 90  
GLU CB  CG   sing N N 91  
GLU CB  HB2  sing N N 92  
GLU CB  HB3  sing N N 93  
GLU CG  CD   sing N N 94  
GLU CG  HG2  sing N N 95  
GLU CG  HG3  sing N N 96  
GLU CD  OE1  doub N N 97  
GLU CD  OE2  sing N N 98  
GLU OE2 HE2  sing N N 99  
GLU OXT HXT  sing N N 100 
GLY N   CA   sing N N 101 
GLY N   H    sing N N 102 
GLY N   H2   sing N N 103 
GLY CA  C    sing N N 104 
GLY CA  HA2  sing N N 105 
GLY CA  HA3  sing N N 106 
GLY C   O    doub N N 107 
GLY C   OXT  sing N N 108 
GLY OXT HXT  sing N N 109 
ILE N   CA   sing N N 110 
ILE N   H    sing N N 111 
ILE N   H2   sing N N 112 
ILE CA  C    sing N N 113 
ILE CA  CB   sing N N 114 
ILE CA  HA   sing N N 115 
ILE C   O    doub N N 116 
ILE C   OXT  sing N N 117 
ILE CB  CG1  sing N N 118 
ILE CB  CG2  sing N N 119 
ILE CB  HB   sing N N 120 
ILE CG1 CD1  sing N N 121 
ILE CG1 HG12 sing N N 122 
ILE CG1 HG13 sing N N 123 
ILE CG2 HG21 sing N N 124 
ILE CG2 HG22 sing N N 125 
ILE CG2 HG23 sing N N 126 
ILE CD1 HD11 sing N N 127 
ILE CD1 HD12 sing N N 128 
ILE CD1 HD13 sing N N 129 
ILE OXT HXT  sing N N 130 
LEU N   CA   sing N N 131 
LEU N   H    sing N N 132 
LEU N   H2   sing N N 133 
LEU CA  C    sing N N 134 
LEU CA  CB   sing N N 135 
LEU CA  HA   sing N N 136 
LEU C   O    doub N N 137 
LEU C   OXT  sing N N 138 
LEU CB  CG   sing N N 139 
LEU CB  HB2  sing N N 140 
LEU CB  HB3  sing N N 141 
LEU CG  CD1  sing N N 142 
LEU CG  CD2  sing N N 143 
LEU CG  HG   sing N N 144 
LEU CD1 HD11 sing N N 145 
LEU CD1 HD12 sing N N 146 
LEU CD1 HD13 sing N N 147 
LEU CD2 HD21 sing N N 148 
LEU CD2 HD22 sing N N 149 
LEU CD2 HD23 sing N N 150 
LEU OXT HXT  sing N N 151 
LYS N   CA   sing N N 152 
LYS N   H    sing N N 153 
LYS N   H2   sing N N 154 
LYS CA  C    sing N N 155 
LYS CA  CB   sing N N 156 
LYS CA  HA   sing N N 157 
LYS C   O    doub N N 158 
LYS C   OXT  sing N N 159 
LYS CB  CG   sing N N 160 
LYS CB  HB2  sing N N 161 
LYS CB  HB3  sing N N 162 
LYS CG  CD   sing N N 163 
LYS CG  HG2  sing N N 164 
LYS CG  HG3  sing N N 165 
LYS CD  CE   sing N N 166 
LYS CD  HD2  sing N N 167 
LYS CD  HD3  sing N N 168 
LYS CE  NZ   sing N N 169 
LYS CE  HE2  sing N N 170 
LYS CE  HE3  sing N N 171 
LYS NZ  HZ1  sing N N 172 
LYS NZ  HZ2  sing N N 173 
LYS NZ  HZ3  sing N N 174 
LYS OXT HXT  sing N N 175 
PRO N   CA   sing N N 176 
PRO N   CD   sing N N 177 
PRO N   H    sing N N 178 
PRO CA  C    sing N N 179 
PRO CA  CB   sing N N 180 
PRO CA  HA   sing N N 181 
PRO C   O    doub N N 182 
PRO C   OXT  sing N N 183 
PRO CB  CG   sing N N 184 
PRO CB  HB2  sing N N 185 
PRO CB  HB3  sing N N 186 
PRO CG  CD   sing N N 187 
PRO CG  HG2  sing N N 188 
PRO CG  HG3  sing N N 189 
PRO CD  HD2  sing N N 190 
PRO CD  HD3  sing N N 191 
PRO OXT HXT  sing N N 192 
SER N   CA   sing N N 193 
SER N   H    sing N N 194 
SER N   H2   sing N N 195 
SER CA  C    sing N N 196 
SER CA  CB   sing N N 197 
SER CA  HA   sing N N 198 
SER C   O    doub N N 199 
SER C   OXT  sing N N 200 
SER CB  OG   sing N N 201 
SER CB  HB2  sing N N 202 
SER CB  HB3  sing N N 203 
SER OG  HG   sing N N 204 
SER OXT HXT  sing N N 205 
THR N   CA   sing N N 206 
THR N   H    sing N N 207 
THR N   H2   sing N N 208 
THR CA  C    sing N N 209 
THR CA  CB   sing N N 210 
THR CA  HA   sing N N 211 
THR C   O    doub N N 212 
THR C   OXT  sing N N 213 
THR CB  OG1  sing N N 214 
THR CB  CG2  sing N N 215 
THR CB  HB   sing N N 216 
THR OG1 HG1  sing N N 217 
THR CG2 HG21 sing N N 218 
THR CG2 HG22 sing N N 219 
THR CG2 HG23 sing N N 220 
THR OXT HXT  sing N N 221 
TRP N   CA   sing N N 222 
TRP N   H    sing N N 223 
TRP N   H2   sing N N 224 
TRP CA  C    sing N N 225 
TRP CA  CB   sing N N 226 
TRP CA  HA   sing N N 227 
TRP C   O    doub N N 228 
TRP C   OXT  sing N N 229 
TRP CB  CG   sing N N 230 
TRP CB  HB2  sing N N 231 
TRP CB  HB3  sing N N 232 
TRP CG  CD1  doub Y N 233 
TRP CG  CD2  sing Y N 234 
TRP CD1 NE1  sing Y N 235 
TRP CD1 HD1  sing N N 236 
TRP CD2 CE2  doub Y N 237 
TRP CD2 CE3  sing Y N 238 
TRP NE1 CE2  sing Y N 239 
TRP NE1 HE1  sing N N 240 
TRP CE2 CZ2  sing Y N 241 
TRP CE3 CZ3  doub Y N 242 
TRP CE3 HE3  sing N N 243 
TRP CZ2 CH2  doub Y N 244 
TRP CZ2 HZ2  sing N N 245 
TRP CZ3 CH2  sing Y N 246 
TRP CZ3 HZ3  sing N N 247 
TRP CH2 HH2  sing N N 248 
TRP OXT HXT  sing N N 249 
TYR N   CA   sing N N 250 
TYR N   H    sing N N 251 
TYR N   H2   sing N N 252 
TYR CA  C    sing N N 253 
TYR CA  CB   sing N N 254 
TYR CA  HA   sing N N 255 
TYR C   O    doub N N 256 
TYR C   OXT  sing N N 257 
TYR CB  CG   sing N N 258 
TYR CB  HB2  sing N N 259 
TYR CB  HB3  sing N N 260 
TYR CG  CD1  doub Y N 261 
TYR CG  CD2  sing Y N 262 
TYR CD1 CE1  sing Y N 263 
TYR CD1 HD1  sing N N 264 
TYR CD2 CE2  doub Y N 265 
TYR CD2 HD2  sing N N 266 
TYR CE1 CZ   doub Y N 267 
TYR CE1 HE1  sing N N 268 
TYR CE2 CZ   sing Y N 269 
TYR CE2 HE2  sing N N 270 
TYR CZ  OH   sing N N 271 
TYR OH  HH   sing N N 272 
TYR OXT HXT  sing N N 273 
VAL N   CA   sing N N 274 
VAL N   H    sing N N 275 
VAL N   H2   sing N N 276 
VAL CA  C    sing N N 277 
VAL CA  CB   sing N N 278 
VAL CA  HA   sing N N 279 
VAL C   O    doub N N 280 
VAL C   OXT  sing N N 281 
VAL CB  CG1  sing N N 282 
VAL CB  CG2  sing N N 283 
VAL CB  HB   sing N N 284 
VAL CG1 HG11 sing N N 285 
VAL CG1 HG12 sing N N 286 
VAL CG1 HG13 sing N N 287 
VAL CG2 HG21 sing N N 288 
VAL CG2 HG22 sing N N 289 
VAL CG2 HG23 sing N N 290 
VAL OXT HXT  sing N N 291 
# 
_atom_sites.entry_id                    1SH1 
_atom_sites.fract_transf_matrix[1][1]   1.000000 
_atom_sites.fract_transf_matrix[1][2]   0.000000 
_atom_sites.fract_transf_matrix[1][3]   0.000000 
_atom_sites.fract_transf_matrix[2][1]   0.000000 
_atom_sites.fract_transf_matrix[2][2]   1.000000 
_atom_sites.fract_transf_matrix[2][3]   0.000000 
_atom_sites.fract_transf_matrix[3][1]   0.000000 
_atom_sites.fract_transf_matrix[3][2]   0.000000 
_atom_sites.fract_transf_matrix[3][3]   1.000000 
_atom_sites.fract_transf_vector[1]      0.00000 
_atom_sites.fract_transf_vector[2]      0.00000 
_atom_sites.fract_transf_vector[3]      0.00000 
# 
_atom_sites_footnote.id     1 
_atom_sites_footnote.text   
;THE POSITIONS OF ALL ATOMS IN THE LOOP BETWEEN ASP 7 CA AND PRO 16 CA, AS WELL AS IN LYS 48, ARE ESSENTIALLY UNCONSTRAINED BY THE INPUT DATA AND SHOULD BE REGARDED AS UNDEFINED.
;
# 
loop_
_atom_type.symbol 
C 
H 
N 
O 
S 
# 
loop_
_atom_site.group_PDB 
_atom_site.id 
_atom_site.type_symbol 
_atom_site.label_atom_id 
_atom_site.label_alt_id 
_atom_site.label_comp_id 
_atom_site.label_asym_id 
_atom_site.label_entity_id 
_atom_site.label_seq_id 
_atom_site.pdbx_PDB_ins_code 
_atom_site.Cartn_x 
_atom_site.Cartn_y 
_atom_site.Cartn_z 
_atom_site.occupancy 
_atom_site.B_iso_or_equiv 
_atom_site.pdbx_formal_charge 
_atom_site.auth_seq_id 
_atom_site.auth_comp_id 
_atom_site.auth_asym_id 
_atom_site.auth_atom_id 
_atom_site.pdbx_PDB_model_num 
ATOM 1   N N    . ALA A 1 1  ? 8.831   -3.822  -1.949  1.00 0.00 ? 1  ALA A N    1 
ATOM 2   C CA   . ALA A 1 1  ? 8.755   -4.368  -0.585  1.00 0.00 ? 1  ALA A CA   1 
ATOM 3   C C    . ALA A 1 1  ? 7.351   -4.381  0.025   1.00 0.00 ? 1  ALA A C    1 
ATOM 4   O O    . ALA A 1 1  ? 6.585   -3.429  -0.114  1.00 0.00 ? 1  ALA A O    1 
ATOM 5   C CB   . ALA A 1 1  ? 9.717   -3.596  0.317   1.00 0.00 ? 1  ALA A CB   1 
ATOM 6   H H1   . ALA A 1 1  ? 8.231   -4.340  -2.556  1.00 0.00 ? 1  ALA A H1   1 
ATOM 7   H H2   . ALA A 1 1  ? 8.554   -2.872  -1.961  1.00 0.00 ? 1  ALA A H2   1 
ATOM 8   H H3   . ALA A 1 1  ? 9.773   -3.906  -2.285  1.00 0.00 ? 1  ALA A H3   1 
ATOM 9   N N    . ALA A 1 2  ? 7.078   -5.471  0.728   1.00 0.00 ? 2  ALA A N    1 
ATOM 10  C CA   . ALA A 1 2  ? 5.773   -5.726  1.373   1.00 0.00 ? 2  ALA A CA   1 
ATOM 11  C C    . ALA A 1 2  ? 5.578   -4.931  2.658   1.00 0.00 ? 2  ALA A C    1 
ATOM 12  O O    . ALA A 1 2  ? 6.321   -5.047  3.633   1.00 0.00 ? 2  ALA A O    1 
ATOM 13  C CB   . ALA A 1 2  ? 5.598   -7.230  1.630   1.00 0.00 ? 2  ALA A CB   1 
ATOM 14  H H    . ALA A 1 2  ? 7.765   -6.181  0.888   1.00 0.00 ? 2  ALA A H    1 
ATOM 15  N N    . CYS A 1 3  ? 4.502   -4.147  2.621   1.00 0.00 ? 3  CYS A N    1 
ATOM 16  C CA   . CYS A 1 3  ? 4.045   -3.236  3.682   1.00 0.00 ? 3  CYS A CA   1 
ATOM 17  C C    . CYS A 1 3  ? 2.670   -3.654  4.217   1.00 0.00 ? 3  CYS A C    1 
ATOM 18  O O    . CYS A 1 3  ? 1.791   -4.116  3.494   1.00 0.00 ? 3  CYS A O    1 
ATOM 19  C CB   . CYS A 1 3  ? 3.993   -1.821  3.105   1.00 0.00 ? 3  CYS A CB   1 
ATOM 20  S SG   . CYS A 1 3  ? 3.489   -0.525  4.287   1.00 0.00 ? 3  CYS A SG   1 
ATOM 21  H H    . CYS A 1 3  ? 3.934   -4.128  1.796   1.00 0.00 ? 3  CYS A H    1 
ATOM 22  N N    . LYS A 1 4  ? 2.519   -3.405  5.515   1.00 0.00 ? 4  LYS A N    1 
ATOM 23  C CA   . LYS A 1 4  ? 1.276   -3.689  6.257   1.00 0.00 ? 4  LYS A CA   1 
ATOM 24  C C    . LYS A 1 4  ? 0.314   -2.505  6.156   1.00 0.00 ? 4  LYS A C    1 
ATOM 25  O O    . LYS A 1 4  ? 0.709   -1.343  6.205   1.00 0.00 ? 4  LYS A O    1 
ATOM 26  C CB   . LYS A 1 4  ? 1.683   -4.012  7.694   1.00 0.00 ? 4  LYS A CB   1 
ATOM 27  C CG   . LYS A 1 4  ? 0.541   -4.566  8.550   1.00 0.00 ? 4  LYS A CG   1 
ATOM 28  C CD   . LYS A 1 4  ? 1.023   -5.191  9.859   1.00 0.00 ? 4  LYS A CD   1 
ATOM 29  C CE   . LYS A 1 4  ? 1.738   -4.230  10.810  1.00 0.00 ? 4  LYS A CE   1 
ATOM 30  N NZ   . LYS A 1 4  ? 0.836   -3.170  11.271  1.00 0.00 ? 4  LYS A NZ   1 
ATOM 31  H H    . LYS A 1 4  ? 3.242   -2.979  6.047   1.00 0.00 ? 4  LYS A H    1 
ATOM 32  H HZ1  . LYS A 1 4  ? 0.032   -3.568  11.713  1.00 0.00 ? 4  LYS A HZ1  1 
ATOM 33  H HZ2  . LYS A 1 4  ? 1.334   -2.580  11.916  1.00 0.00 ? 4  LYS A HZ2  1 
ATOM 34  H HZ3  . LYS A 1 4  ? 0.547   -2.621  10.487  1.00 0.00 ? 4  LYS A HZ3  1 
ATOM 35  N N    . CYS A 1 5  ? -0.970  -2.851  6.003   1.00 0.00 ? 5  CYS A N    1 
ATOM 36  C CA   . CYS A 1 5  ? -2.023  -1.884  5.678   1.00 0.00 ? 5  CYS A CA   1 
ATOM 37  C C    . CYS A 1 5  ? -2.918  -1.426  6.839   1.00 0.00 ? 5  CYS A C    1 
ATOM 38  O O    . CYS A 1 5  ? -3.643  -2.222  7.444   1.00 0.00 ? 5  CYS A O    1 
ATOM 39  C CB   . CYS A 1 5  ? -2.908  -2.468  4.579   1.00 0.00 ? 5  CYS A CB   1 
ATOM 40  S SG   . CYS A 1 5  ? -2.037  -2.587  2.971   1.00 0.00 ? 5  CYS A SG   1 
ATOM 41  H H    . CYS A 1 5  ? -1.255  -3.806  6.027   1.00 0.00 ? 5  CYS A H    1 
ATOM 42  N N    . ASP A 1 6  ? -3.013  -0.101  6.925   1.00 0.00 ? 6  ASP A N    1 
ATOM 43  C CA   . ASP A 1 6  ? -3.994  0.592   7.773   1.00 0.00 ? 6  ASP A CA   1 
ATOM 44  C C    . ASP A 1 6  ? -5.367  0.530   7.101   1.00 0.00 ? 6  ASP A C    1 
ATOM 45  O O    . ASP A 1 6  ? -6.352  0.126   7.705   1.00 0.00 ? 6  ASP A O    1 
ATOM 46  C CB   . ASP A 1 6  ? -3.614  2.060   7.975   1.00 0.00 ? 6  ASP A CB   1 
ATOM 47  C CG   . ASP A 1 6  ? -2.215  2.305   8.536   1.00 0.00 ? 6  ASP A CG   1 
ATOM 48  O OD1  . ASP A 1 6  ? -1.779  1.535   9.406   1.00 0.00 ? 6  ASP A OD1  1 
ATOM 49  O OD2  . ASP A 1 6  ? -1.589  3.277   8.036   1.00 0.00 ? 6  ASP A OD2  1 
ATOM 50  H H    . ASP A 1 6  ? -2.434  0.486   6.356   1.00 0.00 ? 6  ASP A H    1 
ATOM 51  N N    . ASP A 1 7  ? -5.381  0.871   5.812   1.00 0.00 ? 7  ASP A N    1 
ATOM 52  C CA   . ASP A 1 7  ? -6.564  0.770   4.939   1.00 0.00 ? 7  ASP A CA   1 
ATOM 53  C C    . ASP A 1 7  ? -6.683  -0.670  4.448   1.00 0.00 ? 7  ASP A C    1 
ATOM 54  O O    . ASP A 1 7  ? -6.312  -1.036  3.332   1.00 0.00 ? 7  ASP A O    1 
ATOM 55  C CB   . ASP A 1 7  ? -6.426  1.755   3.772   1.00 0.00 ? 7  ASP A CB   1 
ATOM 56  C CG   . ASP A 1 7  ? -6.266  3.208   4.211   1.00 0.00 ? 7  ASP A CG   1 
ATOM 57  O OD1  . ASP A 1 7  ? -5.104  3.604   4.448   1.00 0.00 ? 7  ASP A OD1  1 
ATOM 58  O OD2  . ASP A 1 7  ? -7.309  3.874   4.377   1.00 0.00 ? 7  ASP A OD2  1 
ATOM 59  H H    . ASP A 1 7  ? -4.571  1.229   5.366   1.00 0.00 ? 7  ASP A H    1 
ATOM 60  N N    . GLU A 1 8  ? -7.077  -1.511  5.406   1.00 0.00 ? 8  GLU A N    1 
ATOM 61  C CA   . GLU A 1 8  ? -7.217  -2.971  5.231   1.00 0.00 ? 8  GLU A CA   1 
ATOM 62  C C    . GLU A 1 8  ? -8.514  -3.305  4.486   1.00 0.00 ? 8  GLU A C    1 
ATOM 63  O O    . GLU A 1 8  ? -9.530  -3.683  5.052   1.00 0.00 ? 8  GLU A O    1 
ATOM 64  C CB   . GLU A 1 8  ? -7.134  -3.626  6.607   1.00 0.00 ? 8  GLU A CB   1 
ATOM 65  C CG   . GLU A 1 8  ? -6.625  -5.075  6.527   1.00 0.00 ? 8  GLU A CG   1 
ATOM 66  C CD   . GLU A 1 8  ? -5.125  -5.140  6.263   1.00 0.00 ? 8  GLU A CD   1 
ATOM 67  O OE1  . GLU A 1 8  ? -4.371  -5.110  7.253   1.00 0.00 ? 8  GLU A OE1  1 
ATOM 68  O OE2  . GLU A 1 8  ? -4.753  -5.283  5.080   1.00 0.00 ? 8  GLU A OE2  1 
ATOM 69  H H    . GLU A 1 8  ? -7.174  -1.182  6.349   1.00 0.00 ? 8  GLU A H    1 
ATOM 70  N N    . GLY A 1 9  ? -8.443  -2.995  3.188   1.00 0.00 ? 9  GLY A N    1 
ATOM 71  C CA   . GLY A 1 9  ? -9.507  -3.235  2.201   1.00 0.00 ? 9  GLY A CA   1 
ATOM 72  C C    . GLY A 1 9  ? -9.908  -4.698  2.075   1.00 0.00 ? 9  GLY A C    1 
ATOM 73  O O    . GLY A 1 9  ? -9.049  -5.557  2.283   1.00 0.00 ? 9  GLY A O    1 
ATOM 74  H H    . GLY A 1 9  ? -7.661  -2.475  2.863   1.00 0.00 ? 9  GLY A H    1 
ATOM 75  N N    . PRO A 1 10 ? -11.104 -5.000  1.588   1.00 0.00 ? 10 PRO A N    1 
ATOM 76  C CA   . PRO A 1 10 ? -11.621 -6.373  1.469   1.00 0.00 ? 10 PRO A CA   1 
ATOM 77  C C    . PRO A 1 10 ? -10.811 -7.354  0.634   1.00 0.00 ? 10 PRO A C    1 
ATOM 78  O O    . PRO A 1 10 ? -10.944 -8.564  0.800   1.00 0.00 ? 10 PRO A O    1 
ATOM 79  C CB   . PRO A 1 10 ? -13.025 -6.233  0.856   1.00 0.00 ? 10 PRO A CB   1 
ATOM 80  C CG   . PRO A 1 10 ? -13.454 -4.823  1.272   1.00 0.00 ? 10 PRO A CG   1 
ATOM 81  C CD   . PRO A 1 10 ? -12.147 -4.034  1.182   1.00 0.00 ? 10 PRO A CD   1 
ATOM 82  N N    . ASP A 1 11 ? -9.846  -6.850  -0.143  1.00 0.00 ? 11 ASP A N    1 
ATOM 83  C CA   . ASP A 1 11 ? -9.127  -7.650  -1.147  1.00 0.00 ? 11 ASP A CA   1 
ATOM 84  C C    . ASP A 1 11 ? -7.881  -8.363  -0.599  1.00 0.00 ? 11 ASP A C    1 
ATOM 85  O O    . ASP A 1 11 ? -6.810  -8.358  -1.213  1.00 0.00 ? 11 ASP A O    1 
ATOM 86  C CB   . ASP A 1 11 ? -8.803  -6.756  -2.346  1.00 0.00 ? 11 ASP A CB   1 
ATOM 87  C CG   . ASP A 1 11 ? -10.061 -6.242  -3.040  1.00 0.00 ? 11 ASP A CG   1 
ATOM 88  O OD1  . ASP A 1 11 ? -10.561 -5.182  -2.605  1.00 0.00 ? 11 ASP A OD1  1 
ATOM 89  O OD2  . ASP A 1 11 ? -10.504 -6.917  -3.997  1.00 0.00 ? 11 ASP A OD2  1 
ATOM 90  H H    . ASP A 1 11 ? -9.439  -5.964  0.052   1.00 0.00 ? 11 ASP A H    1 
ATOM 91  N N    . ILE A 1 12 ? -8.070  -9.068  0.514   1.00 0.00 ? 12 ILE A N    1 
ATOM 92  C CA   . ILE A 1 12 ? -6.998  -9.793  1.203   1.00 0.00 ? 12 ILE A CA   1 
ATOM 93  C C    . ILE A 1 12 ? -6.675  -11.076 0.436   1.00 0.00 ? 12 ILE A C    1 
ATOM 94  O O    . ILE A 1 12 ? -7.421  -12.051 0.461   1.00 0.00 ? 12 ILE A O    1 
ATOM 95  C CB   . ILE A 1 12 ? -7.317  -10.091 2.671   1.00 0.00 ? 12 ILE A CB   1 
ATOM 96  C CG1  . ILE A 1 12 ? -7.677  -8.830  3.470   1.00 0.00 ? 12 ILE A CG1  1 
ATOM 97  C CG2  . ILE A 1 12 ? -6.137  -10.756 3.389   1.00 0.00 ? 12 ILE A CG2  1 
ATOM 98  C CD1  . ILE A 1 12 ? -9.190  -8.678  3.641   1.00 0.00 ? 12 ILE A CD1  1 
ATOM 99  H H    . ILE A 1 12 ? -8.992  -9.189  0.890   1.00 0.00 ? 12 ILE A H    1 
ATOM 100 N N    . ARG A 1 13 ? -5.736  -10.879 -0.481  1.00 0.00 ? 13 ARG A N    1 
ATOM 101 C CA   . ARG A 1 13 ? -5.120  -11.960 -1.274  1.00 0.00 ? 13 ARG A CA   1 
ATOM 102 C C    . ARG A 1 13 ? -4.165  -12.833 -0.453  1.00 0.00 ? 13 ARG A C    1 
ATOM 103 O O    . ARG A 1 13 ? -3.955  -14.003 -0.772  1.00 0.00 ? 13 ARG A O    1 
ATOM 104 C CB   . ARG A 1 13 ? -4.342  -11.351 -2.451  1.00 0.00 ? 13 ARG A CB   1 
ATOM 105 C CG   . ARG A 1 13 ? -5.120  -10.412 -3.367  1.00 0.00 ? 13 ARG A CG   1 
ATOM 106 C CD   . ARG A 1 13 ? -6.273  -11.041 -4.148  1.00 0.00 ? 13 ARG A CD   1 
ATOM 107 N NE   . ARG A 1 13 ? -7.488  -11.180 -3.321  1.00 0.00 ? 13 ARG A NE   1 
ATOM 108 C CZ   . ARG A 1 13 ? -8.645  -10.537 -3.505  1.00 0.00 ? 13 ARG A CZ   1 
ATOM 109 N NH1  . ARG A 1 13 ? -8.834  -9.655  -4.496  1.00 0.00 ? 13 ARG A NH1  1 
ATOM 110 N NH2  . ARG A 1 13 ? -9.672  -10.786 -2.679  1.00 0.00 ? 13 ARG A NH2  1 
ATOM 111 H H    . ARG A 1 13 ? -5.614  -9.964  -0.866  1.00 0.00 ? 13 ARG A H    1 
ATOM 112 H HE   . ARG A 1 13 ? -7.421  -11.843 -2.577  1.00 0.00 ? 13 ARG A HE   1 
ATOM 113 H HH11 . ARG A 1 13 ? -8.094  -9.496  -5.143  1.00 0.00 ? 13 ARG A HH11 1 
ATOM 114 H HH12 . ARG A 1 13 ? -9.708  -9.195  -4.596  1.00 0.00 ? 13 ARG A HH12 1 
ATOM 115 H HH21 . ARG A 1 13 ? -9.569  -11.454 -1.941  1.00 0.00 ? 13 ARG A HH21 1 
ATOM 116 H HH22 . ARG A 1 13 ? -10.537 -10.316 -2.815  1.00 0.00 ? 13 ARG A HH22 1 
ATOM 117 N N    . THR A 1 14 ? -3.517  -12.192 0.517   1.00 0.00 ? 14 THR A N    1 
ATOM 118 C CA   . THR A 1 14 ? -2.440  -12.790 1.320   1.00 0.00 ? 14 THR A CA   1 
ATOM 119 C C    . THR A 1 14 ? -2.683  -12.718 2.831   1.00 0.00 ? 14 THR A C    1 
ATOM 120 O O    . THR A 1 14 ? -3.138  -13.665 3.452   1.00 0.00 ? 14 THR A O    1 
ATOM 121 C CB   . THR A 1 14 ? -1.130  -12.099 0.942   1.00 0.00 ? 14 THR A CB   1 
ATOM 122 O OG1  . THR A 1 14 ? -1.377  -10.693 0.920   1.00 0.00 ? 14 THR A OG1  1 
ATOM 123 C CG2  . THR A 1 14 ? -0.559  -12.599 -0.383  1.00 0.00 ? 14 THR A CG2  1 
ATOM 124 H H    . THR A 1 14 ? -3.605  -11.201 0.624   1.00 0.00 ? 14 THR A H    1 
ATOM 125 H HG1  . THR A 1 14 ? -0.514  -10.197 1.001   1.00 0.00 ? 14 THR A HG1  1 
ATOM 126 N N    . ALA A 1 15 ? -2.341  -11.568 3.406   1.00 0.00 ? 15 ALA A N    1 
ATOM 127 C CA   . ALA A 1 15 ? -2.337  -11.237 4.839   1.00 0.00 ? 15 ALA A CA   1 
ATOM 128 C C    . ALA A 1 15 ? -2.604  -9.742  5.007   1.00 0.00 ? 15 ALA A C    1 
ATOM 129 O O    . ALA A 1 15 ? -2.987  -9.099  4.025   1.00 0.00 ? 15 ALA A O    1 
ATOM 130 C CB   . ALA A 1 15 ? -0.947  -11.618 5.347   1.00 0.00 ? 15 ALA A CB   1 
ATOM 131 H H    . ALA A 1 15 ? -2.064  -10.813 2.807   1.00 0.00 ? 15 ALA A H    1 
ATOM 132 N N    . PRO A 1 16 ? -2.478  -9.149  6.192   1.00 0.00 ? 16 PRO A N    1 
ATOM 133 C CA   . PRO A 1 16 ? -2.308  -7.696  6.319   1.00 0.00 ? 16 PRO A CA   1 
ATOM 134 C C    . PRO A 1 16 ? -1.133  -7.125  5.515   1.00 0.00 ? 16 PRO A C    1 
ATOM 135 O O    . PRO A 1 16 ? -1.142  -5.948  5.157   1.00 0.00 ? 16 PRO A O    1 
ATOM 136 C CB   . PRO A 1 16 ? -2.154  -7.464  7.820   1.00 0.00 ? 16 PRO A CB   1 
ATOM 137 C CG   . PRO A 1 16 ? -3.123  -8.495  8.390   1.00 0.00 ? 16 PRO A CG   1 
ATOM 138 C CD   . PRO A 1 16 ? -2.926  -9.709  7.473   1.00 0.00 ? 16 PRO A CD   1 
ATOM 139 N N    . LEU A 1 17 ? -0.093  -7.941  5.337   1.00 0.00 ? 17 LEU A N    1 
ATOM 140 C CA   . LEU A 1 17 ? 1.001   -7.663  4.392   1.00 0.00 ? 17 LEU A CA   1 
ATOM 141 C C    . LEU A 1 17 ? 0.557   -7.858  2.941   1.00 0.00 ? 17 LEU A C    1 
ATOM 142 O O    . LEU A 1 17 ? 0.420   -8.969  2.446   1.00 0.00 ? 17 LEU A O    1 
ATOM 143 C CB   . LEU A 1 17 ? 2.212   -8.531  4.730   1.00 0.00 ? 17 LEU A CB   1 
ATOM 144 C CG   . LEU A 1 17 ? 2.902   -8.058  6.016   1.00 0.00 ? 17 LEU A CG   1 
ATOM 145 C CD1  . LEU A 1 17 ? 3.689   -9.207  6.650   1.00 0.00 ? 17 LEU A CD1  1 
ATOM 146 C CD2  . LEU A 1 17 ? 3.805   -6.857  5.737   1.00 0.00 ? 17 LEU A CD2  1 
ATOM 147 H H    . LEU A 1 17 ? 0.035   -8.755  5.897   1.00 0.00 ? 17 LEU A H    1 
ATOM 148 N N    . THR A 1 18 ? 0.021   -6.749  2.449   1.00 0.00 ? 18 THR A N    1 
ATOM 149 C CA   . THR A 1 18 ? -0.502  -6.612  1.083   1.00 0.00 ? 18 THR A CA   1 
ATOM 150 C C    . THR A 1 18 ? 0.063   -5.431  0.296   1.00 0.00 ? 18 THR A C    1 
ATOM 151 O O    . THR A 1 18 ? 0.289   -5.554  -0.913  1.00 0.00 ? 18 THR A O    1 
ATOM 152 C CB   . THR A 1 18 ? -2.023  -6.444  1.104   1.00 0.00 ? 18 THR A CB   1 
ATOM 153 O OG1  . THR A 1 18 ? -2.366  -5.433  2.064   1.00 0.00 ? 18 THR A OG1  1 
ATOM 154 C CG2  . THR A 1 18 ? -2.763  -7.765  1.349   1.00 0.00 ? 18 THR A CG2  1 
ATOM 155 H H    . THR A 1 18 ? -0.258  -6.014  3.068   1.00 0.00 ? 18 THR A H    1 
ATOM 156 H HG1  . THR A 1 18 ? -3.252  -5.642  2.480   1.00 0.00 ? 18 THR A HG1  1 
ATOM 157 N N    . GLY A 1 19 ? 0.233   -4.298  0.973   1.00 0.00 ? 19 GLY A N    1 
ATOM 158 C CA   . GLY A 1 19 ? 0.731   -3.055  0.371   1.00 0.00 ? 19 GLY A CA   1 
ATOM 159 C C    . GLY A 1 19 ? 2.186   -3.182  -0.096  1.00 0.00 ? 19 GLY A C    1 
ATOM 160 O O    . GLY A 1 19 ? 2.946   -4.038  0.362   1.00 0.00 ? 19 GLY A O    1 
ATOM 161 H H    . GLY A 1 19 ? 0.125   -4.261  1.966   1.00 0.00 ? 19 GLY A H    1 
ATOM 162 N N    . THR A 1 20 ? 2.515   -2.377  -1.106  1.00 0.00 ? 20 THR A N    1 
ATOM 163 C CA   . THR A 1 20 ? 3.887   -2.229  -1.609  1.00 0.00 ? 20 THR A CA   1 
ATOM 164 C C    . THR A 1 20 ? 4.348   -0.794  -1.332  1.00 0.00 ? 20 THR A C    1 
ATOM 165 O O    . THR A 1 20 ? 3.573   0.161   -1.313  1.00 0.00 ? 20 THR A O    1 
ATOM 166 C CB   . THR A 1 20 ? 3.984   -2.483  -3.110  1.00 0.00 ? 20 THR A CB   1 
ATOM 167 O OG1  . THR A 1 20 ? 3.215   -3.643  -3.460  1.00 0.00 ? 20 THR A OG1  1 
ATOM 168 C CG2  . THR A 1 20 ? 5.428   -2.706  -3.570  1.00 0.00 ? 20 THR A CG2  1 
ATOM 169 H H    . THR A 1 20 ? 1.820   -1.863  -1.601  1.00 0.00 ? 20 THR A H    1 
ATOM 170 H HG1  . THR A 1 20 ? 3.195   -4.277  -2.677  1.00 0.00 ? 20 THR A HG1  1 
ATOM 171 N N    . VAL A 1 21 ? 5.626   -0.732  -0.949  1.00 0.00 ? 21 VAL A N    1 
ATOM 172 C CA   . VAL A 1 21 ? 6.375   0.508   -0.741  1.00 0.00 ? 21 VAL A CA   1 
ATOM 173 C C    . VAL A 1 21 ? 6.645   1.154   -2.095  1.00 0.00 ? 21 VAL A C    1 
ATOM 174 O O    . VAL A 1 21 ? 7.454   0.682   -2.893  1.00 0.00 ? 21 VAL A O    1 
ATOM 175 C CB   . VAL A 1 21 ? 7.661   0.216   0.035   1.00 0.00 ? 21 VAL A CB   1 
ATOM 176 C CG1  . VAL A 1 21 ? 8.419   1.504   0.377   1.00 0.00 ? 21 VAL A CG1  1 
ATOM 177 C CG2  . VAL A 1 21 ? 7.395   -0.517  1.346   1.00 0.00 ? 21 VAL A CG2  1 
ATOM 178 H H    . VAL A 1 21 ? 6.121   -1.574  -0.730  1.00 0.00 ? 21 VAL A H    1 
ATOM 179 N N    . ASP A 1 22 ? 5.861   2.200   -2.360  1.00 0.00 ? 22 ASP A N    1 
ATOM 180 C CA   . ASP A 1 22 ? 5.912   3.025   -3.576  1.00 0.00 ? 22 ASP A CA   1 
ATOM 181 C C    . ASP A 1 22 ? 6.645   4.338   -3.285  1.00 0.00 ? 22 ASP A C    1 
ATOM 182 O O    . ASP A 1 22 ? 6.457   4.957   -2.244  1.00 0.00 ? 22 ASP A O    1 
ATOM 183 C CB   . ASP A 1 22 ? 4.489   3.331   -4.056  1.00 0.00 ? 22 ASP A CB   1 
ATOM 184 C CG   . ASP A 1 22 ? 3.766   2.097   -4.609  1.00 0.00 ? 22 ASP A CG   1 
ATOM 185 O OD1  . ASP A 1 22 ? 3.123   1.402   -3.793  1.00 0.00 ? 22 ASP A OD1  1 
ATOM 186 O OD2  . ASP A 1 22 ? 3.846   1.896   -5.832  1.00 0.00 ? 22 ASP A OD2  1 
ATOM 187 H H    . ASP A 1 22 ? 5.237   2.537   -1.663  1.00 0.00 ? 22 ASP A H    1 
ATOM 188 N N    . LEU A 1 23 ? 7.531   4.687   -4.221  1.00 0.00 ? 23 LEU A N    1 
ATOM 189 C CA   . LEU A 1 23 ? 8.404   5.867   -4.089  1.00 0.00 ? 23 LEU A CA   1 
ATOM 190 C C    . LEU A 1 23 ? 7.705   7.187   -4.428  1.00 0.00 ? 23 LEU A C    1 
ATOM 191 O O    . LEU A 1 23 ? 7.140   7.362   -5.503  1.00 0.00 ? 23 LEU A O    1 
ATOM 192 C CB   . LEU A 1 23 ? 9.678   5.684   -4.919  1.00 0.00 ? 23 LEU A CB   1 
ATOM 193 C CG   . LEU A 1 23 ? 10.602  4.643   -4.299  1.00 0.00 ? 23 LEU A CG   1 
ATOM 194 C CD1  . LEU A 1 23 ? 11.671  4.221   -5.309  1.00 0.00 ? 23 LEU A CD1  1 
ATOM 195 C CD2  . LEU A 1 23 ? 11.249  5.157   -3.009  1.00 0.00 ? 23 LEU A CD2  1 
ATOM 196 H H    . LEU A 1 23 ? 7.622   4.172   -5.075  1.00 0.00 ? 23 LEU A H    1 
ATOM 197 N N    . GLY A 1 24 ? 7.876   8.109   -3.488  1.00 0.00 ? 24 GLY A N    1 
ATOM 198 C CA   . GLY A 1 24 ? 7.263   9.446   -3.474  1.00 0.00 ? 24 GLY A CA   1 
ATOM 199 C C    . GLY A 1 24 ? 5.752   9.351   -3.239  1.00 0.00 ? 24 GLY A C    1 
ATOM 200 O O    . GLY A 1 24 ? 5.282   9.286   -2.099  1.00 0.00 ? 24 GLY A O    1 
ATOM 201 H H    . GLY A 1 24 ? 8.486   7.942   -2.716  1.00 0.00 ? 24 GLY A H    1 
ATOM 202 N N    . SER A 1 25 ? 5.095   9.024   -4.347  1.00 0.00 ? 25 SER A N    1 
ATOM 203 C CA   . SER A 1 25 ? 3.631   8.944   -4.463  1.00 0.00 ? 25 SER A CA   1 
ATOM 204 C C    . SER A 1 25 ? 3.204   7.549   -4.912  1.00 0.00 ? 25 SER A C    1 
ATOM 205 O O    . SER A 1 25 ? 4.012   6.618   -4.979  1.00 0.00 ? 25 SER A O    1 
ATOM 206 C CB   . SER A 1 25 ? 3.180   10.038  -5.427  1.00 0.00 ? 25 SER A CB   1 
ATOM 207 O OG   . SER A 1 25 ? 1.757   10.183  -5.409  1.00 0.00 ? 25 SER A OG   1 
ATOM 208 H H    . SER A 1 25 ? 5.586   8.576   -5.099  1.00 0.00 ? 25 SER A H    1 
ATOM 209 H HG   . SER A 1 25 ? 1.525   11.130  -5.186  1.00 0.00 ? 25 SER A HG   1 
ATOM 210 N N    . CYS A 1 26 ? 1.937   7.429   -5.297  1.00 0.00 ? 26 CYS A N    1 
ATOM 211 C CA   . CYS A 1 26 ? 1.285   6.198   -5.740  1.00 0.00 ? 26 CYS A CA   1 
ATOM 212 C C    . CYS A 1 26 ? 0.849   6.270   -7.205  1.00 0.00 ? 26 CYS A C    1 
ATOM 213 O O    . CYS A 1 26 ? 0.465   7.323   -7.721  1.00 0.00 ? 26 CYS A O    1 
ATOM 214 C CB   . CYS A 1 26 ? 0.067   5.924   -4.857  1.00 0.00 ? 26 CYS A CB   1 
ATOM 215 S SG   . CYS A 1 26 ? 0.572   5.583   -3.131  1.00 0.00 ? 26 CYS A SG   1 
ATOM 216 H H    . CYS A 1 26 ? 1.405   8.270   -5.408  1.00 0.00 ? 26 CYS A H    1 
ATOM 217 N N    . ASN A 1 27 ? 0.766   5.082   -7.788  1.00 0.00 ? 27 ASN A N    1 
ATOM 218 C CA   . ASN A 1 27 ? 0.514   4.885   -9.218  1.00 0.00 ? 27 ASN A CA   1 
ATOM 219 C C    . ASN A 1 27 ? -0.973  4.652   -9.493  1.00 0.00 ? 27 ASN A C    1 
ATOM 220 O O    . ASN A 1 27 ? -1.777  4.420   -8.593  1.00 0.00 ? 27 ASN A O    1 
ATOM 221 C CB   . ASN A 1 27 ? 1.396   3.696   -9.630  1.00 0.00 ? 27 ASN A CB   1 
ATOM 222 C CG   . ASN A 1 27 ? 1.440   3.409   -11.128 1.00 0.00 ? 27 ASN A CG   1 
ATOM 223 O OD1  . ASN A 1 27 ? 1.174   4.250   -11.989 1.00 0.00 ? 27 ASN A OD1  1 
ATOM 224 N ND2  . ASN A 1 27 ? 1.788   2.175   -11.477 1.00 0.00 ? 27 ASN A ND2  1 
ATOM 225 H H    . ASN A 1 27 ? 0.776   4.237   -7.232  1.00 0.00 ? 27 ASN A H    1 
ATOM 226 H HD21 . ASN A 1 27 ? 2.067   1.499   -10.795 1.00 0.00 ? 27 ASN A HD21 1 
ATOM 227 H HD22 . ASN A 1 27 ? 1.810   1.986   -12.457 1.00 0.00 ? 27 ASN A HD22 1 
ATOM 228 N N    . ALA A 1 28 ? -1.350  4.734   -10.763 1.00 0.00 ? 28 ALA A N    1 
ATOM 229 C CA   . ALA A 1 28 ? -2.712  4.459   -11.252 1.00 0.00 ? 28 ALA A CA   1 
ATOM 230 C C    . ALA A 1 28 ? -3.158  3.044   -10.883 1.00 0.00 ? 28 ALA A C    1 
ATOM 231 O O    . ALA A 1 28 ? -2.447  2.070   -11.145 1.00 0.00 ? 28 ALA A O    1 
ATOM 232 C CB   . ALA A 1 28 ? -2.758  4.661   -12.768 1.00 0.00 ? 28 ALA A CB   1 
ATOM 233 H H    . ALA A 1 28 ? -0.673  4.914   -11.484 1.00 0.00 ? 28 ALA A H    1 
ATOM 234 N N    . GLY A 1 29 ? -4.245  2.989   -10.128 1.00 0.00 ? 29 GLY A N    1 
ATOM 235 C CA   . GLY A 1 29 ? -4.806  1.753   -9.560  1.00 0.00 ? 29 GLY A CA   1 
ATOM 236 C C    . GLY A 1 29 ? -4.190  1.316   -8.230  1.00 0.00 ? 29 GLY A C    1 
ATOM 237 O O    . GLY A 1 29 ? -4.550  0.272   -7.682  1.00 0.00 ? 29 GLY A O    1 
ATOM 238 H H    . GLY A 1 29 ? -4.769  3.815   -9.927  1.00 0.00 ? 29 GLY A H    1 
ATOM 239 N N    . TRP A 1 30 ? -3.309  2.155   -7.689  1.00 0.00 ? 30 TRP A N    1 
ATOM 240 C CA   . TRP A 1 30 ? -2.631  1.945   -6.402  1.00 0.00 ? 30 TRP A CA   1 
ATOM 241 C C    . TRP A 1 30 ? -3.108  2.977   -5.385  1.00 0.00 ? 30 TRP A C    1 
ATOM 242 O O    . TRP A 1 30 ? -2.738  4.151   -5.401  1.00 0.00 ? 30 TRP A O    1 
ATOM 243 C CB   . TRP A 1 30 ? -1.115  2.040   -6.595  1.00 0.00 ? 30 TRP A CB   1 
ATOM 244 C CG   . TRP A 1 30 ? -0.519  0.894   -7.410  1.00 0.00 ? 30 TRP A CG   1 
ATOM 245 C CD1  . TRP A 1 30 ? -0.584  0.742   -8.736  1.00 0.00 ? 30 TRP A CD1  1 
ATOM 246 C CD2  . TRP A 1 30 ? 0.303   -0.118  -6.927  1.00 0.00 ? 30 TRP A CD2  1 
ATOM 247 N NE1  . TRP A 1 30 ? 0.146   -0.302  -9.111  1.00 0.00 ? 30 TRP A NE1  1 
ATOM 248 C CE2  . TRP A 1 30 ? 0.720   -0.848  -8.034  1.00 0.00 ? 30 TRP A CE2  1 
ATOM 249 C CE3  . TRP A 1 30 ? 0.679   -0.501  -5.641  1.00 0.00 ? 30 TRP A CE3  1 
ATOM 250 C CZ2  . TRP A 1 30 ? 1.538   -1.966  -7.890  1.00 0.00 ? 30 TRP A CZ2  1 
ATOM 251 C CZ3  . TRP A 1 30 ? 1.484   -1.622  -5.495  1.00 0.00 ? 30 TRP A CZ3  1 
ATOM 252 C CH2  . TRP A 1 30 ? 1.906   -2.345  -6.608  1.00 0.00 ? 30 TRP A CH2  1 
ATOM 253 H H    . TRP A 1 30 ? -2.954  2.941   -8.193  1.00 0.00 ? 30 TRP A H    1 
ATOM 254 H HE1  . TRP A 1 30 ? 0.199   -0.662  -10.040 1.00 0.00 ? 30 TRP A HE1  1 
ATOM 255 N N    . GLU A 1 31 ? -3.975  2.489   -4.496  1.00 0.00 ? 31 GLU A N    1 
ATOM 256 C CA   . GLU A 1 31 ? -4.633  3.300   -3.459  1.00 0.00 ? 31 GLU A CA   1 
ATOM 257 C C    . GLU A 1 31 ? -3.939  3.129   -2.110  1.00 0.00 ? 31 GLU A C    1 
ATOM 258 O O    . GLU A 1 31 ? -3.405  2.072   -1.775  1.00 0.00 ? 31 GLU A O    1 
ATOM 259 C CB   . GLU A 1 31 ? -6.118  2.918   -3.381  1.00 0.00 ? 31 GLU A CB   1 
ATOM 260 C CG   . GLU A 1 31 ? -6.917  3.892   -2.526  1.00 0.00 ? 31 GLU A CG   1 
ATOM 261 C CD   . GLU A 1 31 ? -8.425  3.608   -2.539  1.00 0.00 ? 31 GLU A CD   1 
ATOM 262 O OE1  . GLU A 1 31 ? -8.818  2.631   -1.876  1.00 0.00 ? 31 GLU A OE1  1 
ATOM 263 O OE2  . GLU A 1 31 ? -9.129  4.367   -3.246  1.00 0.00 ? 31 GLU A OE2  1 
ATOM 264 H H    . GLU A 1 31 ? -4.143  1.501   -4.453  1.00 0.00 ? 31 GLU A H    1 
ATOM 265 N N    . LYS A 1 32 ? -3.921  4.229   -1.367  1.00 0.00 ? 32 LYS A N    1 
ATOM 266 C CA   . LYS A 1 32 ? -3.233  4.358   -0.077  1.00 0.00 ? 32 LYS A CA   1 
ATOM 267 C C    . LYS A 1 32 ? -3.686  3.384   1.015   1.00 0.00 ? 32 LYS A C    1 
ATOM 268 O O    . LYS A 1 32 ? -4.837  3.373   1.456   1.00 0.00 ? 32 LYS A O    1 
ATOM 269 C CB   . LYS A 1 32 ? -3.292  5.814   0.406   1.00 0.00 ? 32 LYS A CB   1 
ATOM 270 C CG   . LYS A 1 32 ? -2.511  6.707   -0.572  1.00 0.00 ? 32 LYS A CG   1 
ATOM 271 C CD   . LYS A 1 32 ? -2.467  8.174   -0.122  1.00 0.00 ? 32 LYS A CD   1 
ATOM 272 C CE   . LYS A 1 32 ? -1.737  9.032   -1.151  1.00 0.00 ? 32 LYS A CE   1 
ATOM 273 N NZ   . LYS A 1 32 ? -0.336  8.601   -1.301  1.00 0.00 ? 32 LYS A NZ   1 
ATOM 274 H H    . LYS A 1 32 ? -4.338  5.084   -1.691  1.00 0.00 ? 32 LYS A H    1 
ATOM 275 H HZ1  . LYS A 1 32 ? 0.123   8.660   -0.417  1.00 0.00 ? 32 LYS A HZ1  1 
ATOM 276 H HZ2  . LYS A 1 32 ? -0.299  7.651   -1.623  1.00 0.00 ? 32 LYS A HZ2  1 
ATOM 277 H HZ3  . LYS A 1 32 ? 0.137   9.192   -1.947  1.00 0.00 ? 32 LYS A HZ3  1 
ATOM 278 N N    . CYS A 1 33 ? -2.705  2.569   1.390   1.00 0.00 ? 33 CYS A N    1 
ATOM 279 C CA   . CYS A 1 33 ? -2.780  1.573   2.461   1.00 0.00 ? 33 CYS A CA   1 
ATOM 280 C C    . CYS A 1 33 ? -2.264  2.146   3.785   1.00 0.00 ? 33 CYS A C    1 
ATOM 281 O O    . CYS A 1 33 ? -2.828  1.870   4.845   1.00 0.00 ? 33 CYS A O    1 
ATOM 282 C CB   . CYS A 1 33 ? -1.931  0.352   2.090   1.00 0.00 ? 33 CYS A CB   1 
ATOM 283 S SG   . CYS A 1 33 ? -2.983  -1.131  1.890   1.00 0.00 ? 33 CYS A SG   1 
ATOM 284 H H    . CYS A 1 33 ? -1.837  2.589   0.902   1.00 0.00 ? 33 CYS A H    1 
ATOM 285 N N    . ALA A 1 34 ? -1.047  2.687   3.702   1.00 0.00 ? 34 ALA A N    1 
ATOM 286 C CA   . ALA A 1 34 ? -0.421  3.527   4.733   1.00 0.00 ? 34 ALA A CA   1 
ATOM 287 C C    . ALA A 1 34 ? 0.136   4.741   3.995   1.00 0.00 ? 34 ALA A C    1 
ATOM 288 O O    . ALA A 1 34 ? 1.095   4.664   3.234   1.00 0.00 ? 34 ALA A O    1 
ATOM 289 C CB   . ALA A 1 34 ? 0.679   2.761   5.474   1.00 0.00 ? 34 ALA A CB   1 
ATOM 290 H H    . ALA A 1 34 ? -0.495  2.570   2.881   1.00 0.00 ? 34 ALA A H    1 
ATOM 291 N N    . SER A 1 35 ? -0.673  5.804   4.065   1.00 0.00 ? 35 SER A N    1 
ATOM 292 C CA   . SER A 1 35 ? -0.500  7.060   3.328   1.00 0.00 ? 35 SER A CA   1 
ATOM 293 C C    . SER A 1 35 ? 0.935   7.605   3.317   1.00 0.00 ? 35 SER A C    1 
ATOM 294 O O    . SER A 1 35 ? 1.406   8.112   2.302   1.00 0.00 ? 35 SER A O    1 
ATOM 295 C CB   . SER A 1 35 ? -1.436  8.124   3.921   1.00 0.00 ? 35 SER A CB   1 
ATOM 296 O OG   . SER A 1 35 ? -1.255  8.144   5.333   1.00 0.00 ? 35 SER A OG   1 
ATOM 297 H H    . SER A 1 35 ? -1.424  5.821   4.726   1.00 0.00 ? 35 SER A H    1 
ATOM 298 H HG   . SER A 1 35 ? -1.753  8.919   5.717   1.00 0.00 ? 35 SER A HG   1 
ATOM 299 N N    . TYR A 1 36 ? 1.565   7.538   4.487   1.00 0.00 ? 36 TYR A N    1 
ATOM 300 C CA   . TYR A 1 36 ? 2.996   7.787   4.691   1.00 0.00 ? 36 TYR A CA   1 
ATOM 301 C C    . TYR A 1 36 ? 3.608   6.592   5.428   1.00 0.00 ? 36 TYR A C    1 
ATOM 302 O O    . TYR A 1 36 ? 2.954   5.974   6.267   1.00 0.00 ? 36 TYR A O    1 
ATOM 303 C CB   . TYR A 1 36 ? 3.160   9.082   5.493   1.00 0.00 ? 36 TYR A CB   1 
ATOM 304 C CG   . TYR A 1 36 ? 4.627   9.460   5.770   1.00 0.00 ? 36 TYR A CG   1 
ATOM 305 C CD1  . TYR A 1 36 ? 5.520   9.615   4.726   1.00 0.00 ? 36 TYR A CD1  1 
ATOM 306 C CD2  . TYR A 1 36 ? 4.995   9.632   7.104   1.00 0.00 ? 36 TYR A CD2  1 
ATOM 307 C CE1  . TYR A 1 36 ? 6.839   9.935   5.011   1.00 0.00 ? 36 TYR A CE1  1 
ATOM 308 C CE2  . TYR A 1 36 ? 6.314   9.959   7.397   1.00 0.00 ? 36 TYR A CE2  1 
ATOM 309 C CZ   . TYR A 1 36 ? 7.213   10.114  6.340   1.00 0.00 ? 36 TYR A CZ   1 
ATOM 310 O OH   . TYR A 1 36 ? 8.488   10.500  6.603   1.00 0.00 ? 36 TYR A OH   1 
ATOM 311 H H    . TYR A 1 36 ? 1.052   7.326   5.313   1.00 0.00 ? 36 TYR A H    1 
ATOM 312 H HH   . TYR A 1 36 ? 8.913   10.773  5.745   1.00 0.00 ? 36 TYR A HH   1 
ATOM 313 N N    . TYR A 1 37 ? 4.809   6.215   4.990   1.00 0.00 ? 37 TYR A N    1 
ATOM 314 C CA   . TYR A 1 37 ? 5.568   5.131   5.617   1.00 0.00 ? 37 TYR A CA   1 
ATOM 315 C C    . TYR A 1 37 ? 6.928   5.628   6.121   1.00 0.00 ? 37 TYR A C    1 
ATOM 316 O O    . TYR A 1 37 ? 7.108   5.853   7.318   1.00 0.00 ? 37 TYR A O    1 
ATOM 317 C CB   . TYR A 1 37 ? 5.686   3.976   4.617   1.00 0.00 ? 37 TYR A CB   1 
ATOM 318 C CG   . TYR A 1 37 ? 6.229   2.667   5.211   1.00 0.00 ? 37 TYR A CG   1 
ATOM 319 C CD1  . TYR A 1 37 ? 5.707   2.178   6.412   1.00 0.00 ? 37 TYR A CD1  1 
ATOM 320 C CD2  . TYR A 1 37 ? 7.075   1.911   4.415   1.00 0.00 ? 37 TYR A CD2  1 
ATOM 321 C CE1  . TYR A 1 37 ? 6.025   0.883   6.807   1.00 0.00 ? 37 TYR A CE1  1 
ATOM 322 C CE2  . TYR A 1 37 ? 7.407   0.619   4.809   1.00 0.00 ? 37 TYR A CE2  1 
ATOM 323 C CZ   . TYR A 1 37 ? 6.864   0.125   6.000   1.00 0.00 ? 37 TYR A CZ   1 
ATOM 324 O OH   . TYR A 1 37 ? 7.102   -1.169  6.338   1.00 0.00 ? 37 TYR A OH   1 
ATOM 325 H H    . TYR A 1 37 ? 5.215   6.613   4.166   1.00 0.00 ? 37 TYR A H    1 
ATOM 326 H HH   . TYR A 1 37 ? 6.762   -1.346  7.260   1.00 0.00 ? 37 TYR A HH   1 
ATOM 327 N N    . THR A 1 38 ? 7.858   5.821   5.192   1.00 0.00 ? 38 THR A N    1 
ATOM 328 C CA   . THR A 1 38 ? 9.221   6.319   5.451   1.00 0.00 ? 38 THR A CA   1 
ATOM 329 C C    . THR A 1 38 ? 9.482   7.552   4.577   1.00 0.00 ? 38 THR A C    1 
ATOM 330 O O    . THR A 1 38 ? 8.809   7.732   3.562   1.00 0.00 ? 38 THR A O    1 
ATOM 331 C CB   . THR A 1 38 ? 10.268  5.252   5.138   1.00 0.00 ? 38 THR A CB   1 
ATOM 332 O OG1  . THR A 1 38 ? 10.098  4.814   3.783   1.00 0.00 ? 38 THR A OG1  1 
ATOM 333 C CG2  . THR A 1 38 ? 10.234  4.088   6.133   1.00 0.00 ? 38 THR A CG2  1 
ATOM 334 H H    . THR A 1 38 ? 7.665   5.669   4.227   1.00 0.00 ? 38 THR A H    1 
ATOM 335 H HG1  . THR A 1 38 ? 10.625  3.979   3.645   1.00 0.00 ? 38 THR A HG1  1 
ATOM 336 N N    . ILE A 1 39 ? 10.430  8.373   5.001   1.00 0.00 ? 39 ILE A N    1 
ATOM 337 C CA   . ILE A 1 39 ? 10.853  9.616   4.327   1.00 0.00 ? 39 ILE A CA   1 
ATOM 338 C C    . ILE A 1 39 ? 10.280  9.943   2.949   1.00 0.00 ? 39 ILE A C    1 
ATOM 339 O O    . ILE A 1 39 ? 9.358   10.763  2.870   1.00 0.00 ? 39 ILE A O    1 
ATOM 340 C CB   . ILE A 1 39 ? 12.354  9.863   4.400   1.00 0.00 ? 39 ILE A CB   1 
ATOM 341 C CG1  . ILE A 1 39 ? 13.203  8.670   3.951   1.00 0.00 ? 39 ILE A CG1  1 
ATOM 342 C CG2  . ILE A 1 39 ? 12.715  10.357  5.805   1.00 0.00 ? 39 ILE A CG2  1 
ATOM 343 C CD1  . ILE A 1 39 ? 14.599  9.070   3.487   1.00 0.00 ? 39 ILE A CD1  1 
ATOM 344 H H    . ILE A 1 39 ? 10.861  8.244   5.894   1.00 0.00 ? 39 ILE A H    1 
ATOM 345 N N    . ILE A 1 40 ? 10.744  9.271   1.900   1.00 0.00 ? 40 ILE A N    1 
ATOM 346 C CA   . ILE A 1 40 ? 10.234  9.458   0.531   1.00 0.00 ? 40 ILE A CA   1 
ATOM 347 C C    . ILE A 1 40 ? 9.549   8.247   -0.082  1.00 0.00 ? 40 ILE A C    1 
ATOM 348 O O    . ILE A 1 40 ? 9.623   7.977   -1.283  1.00 0.00 ? 40 ILE A O    1 
ATOM 349 C CB   . ILE A 1 40 ? 11.283  10.078  -0.391  1.00 0.00 ? 40 ILE A CB   1 
ATOM 350 C CG1  . ILE A 1 40 ? 12.701  9.496   -0.280  1.00 0.00 ? 40 ILE A CG1  1 
ATOM 351 C CG2  . ILE A 1 40 ? 11.300  11.601  -0.224  1.00 0.00 ? 40 ILE A CG2  1 
ATOM 352 C CD1  . ILE A 1 40 ? 12.854  8.095   -0.864  1.00 0.00 ? 40 ILE A CD1  1 
ATOM 353 H H    . ILE A 1 40 ? 11.499  8.613   1.987   1.00 0.00 ? 40 ILE A H    1 
ATOM 354 N N    . ALA A 1 41 ? 8.814   7.531   0.762   1.00 0.00 ? 41 ALA A N    1 
ATOM 355 C CA   . ALA A 1 41 ? 8.081   6.302   0.422   1.00 0.00 ? 41 ALA A CA   1 
ATOM 356 C C    . ALA A 1 41 ? 6.778   6.141   1.212   1.00 0.00 ? 41 ALA A C    1 
ATOM 357 O O    . ALA A 1 41 ? 6.713   6.261   2.429   1.00 0.00 ? 41 ALA A O    1 
ATOM 358 C CB   . ALA A 1 41 ? 8.986   5.086   0.646   1.00 0.00 ? 41 ALA A CB   1 
ATOM 359 H H    . ALA A 1 41 ? 8.733   7.789   1.729   1.00 0.00 ? 41 ALA A H    1 
ATOM 360 N N    . ASP A 1 42 ? 5.748   5.798   0.444   1.00 0.00 ? 42 ASP A N    1 
ATOM 361 C CA   . ASP A 1 42 ? 4.378   5.547   0.921   1.00 0.00 ? 42 ASP A CA   1 
ATOM 362 C C    . ASP A 1 42 ? 3.908   4.136   0.555   1.00 0.00 ? 42 ASP A C    1 
ATOM 363 O O    . ASP A 1 42 ? 4.408   3.535   -0.397  1.00 0.00 ? 42 ASP A O    1 
ATOM 364 C CB   . ASP A 1 42 ? 3.416   6.614   0.385   1.00 0.00 ? 42 ASP A CB   1 
ATOM 365 C CG   . ASP A 1 42 ? 3.290   6.776   -1.125  1.00 0.00 ? 42 ASP A CG   1 
ATOM 366 O OD1  . ASP A 1 42 ? 3.696   5.856   -1.868  1.00 0.00 ? 42 ASP A OD1  1 
ATOM 367 O OD2  . ASP A 1 42 ? 2.650   7.776   -1.520  1.00 0.00 ? 42 ASP A OD2  1 
ATOM 368 H H    . ASP A 1 42 ? 5.890   5.593   -0.528  1.00 0.00 ? 42 ASP A H    1 
ATOM 369 N N    . CYS A 1 43 ? 2.948   3.619   1.303   1.00 0.00 ? 43 CYS A N    1 
ATOM 370 C CA   . CYS A 1 43 ? 2.394   2.276   1.061   1.00 0.00 ? 43 CYS A CA   1 
ATOM 371 C C    . CYS A 1 43 ? 1.061   2.331   0.310   1.00 0.00 ? 43 CYS A C    1 
ATOM 372 O O    . CYS A 1 43 ? 0.043   2.814   0.793   1.00 0.00 ? 43 CYS A O    1 
ATOM 373 C CB   . CYS A 1 43 ? 2.211   1.455   2.333   1.00 0.00 ? 43 CYS A CB   1 
ATOM 374 S SG   . CYS A 1 43 ? 3.796   1.180   3.200   1.00 0.00 ? 43 CYS A SG   1 
ATOM 375 H H    . CYS A 1 43 ? 2.493   4.131   2.039   1.00 0.00 ? 43 CYS A H    1 
ATOM 376 N N    . CYS A 1 44 ? 1.140   1.753   -0.895  1.00 0.00 ? 44 CYS A N    1 
ATOM 377 C CA   . CYS A 1 44 ? 0.003   1.608   -1.807  1.00 0.00 ? 44 CYS A CA   1 
ATOM 378 C C    . CYS A 1 44 ? -0.286  0.163   -2.218  1.00 0.00 ? 44 CYS A C    1 
ATOM 379 O O    . CYS A 1 44 ? 0.573   -0.714  -2.264  1.00 0.00 ? 44 CYS A O    1 
ATOM 380 C CB   . CYS A 1 44 ? 0.146   2.537   -3.017  1.00 0.00 ? 44 CYS A CB   1 
ATOM 381 S SG   . CYS A 1 44 ? -0.718  4.088   -2.624  1.00 0.00 ? 44 CYS A SG   1 
ATOM 382 H H    . CYS A 1 44 ? 1.991   1.352   -1.214  1.00 0.00 ? 44 CYS A H    1 
ATOM 383 N N    . ARG A 1 45 ? -1.596  -0.046  -2.278  1.00 0.00 ? 45 ARG A N    1 
ATOM 384 C CA   . ARG A 1 45 ? -2.274  -1.308  -2.587  1.00 0.00 ? 45 ARG A CA   1 
ATOM 385 C C    . ARG A 1 45 ? -2.877  -1.239  -4.000  1.00 0.00 ? 45 ARG A C    1 
ATOM 386 O O    . ARG A 1 45 ? -3.662  -0.349  -4.315  1.00 0.00 ? 45 ARG A O    1 
ATOM 387 C CB   . ARG A 1 45 ? -3.294  -1.508  -1.465  1.00 0.00 ? 45 ARG A CB   1 
ATOM 388 C CG   . ARG A 1 45 ? -4.651  -2.110  -1.819  1.00 0.00 ? 45 ARG A CG   1 
ATOM 389 C CD   . ARG A 1 45 ? -5.250  -2.852  -0.620  1.00 0.00 ? 45 ARG A CD   1 
ATOM 390 N NE   . ARG A 1 45 ? -4.667  -4.197  -0.547  1.00 0.00 ? 45 ARG A NE   1 
ATOM 391 C CZ   . ARG A 1 45 ? -5.037  -5.243  -1.299  1.00 0.00 ? 45 ARG A CZ   1 
ATOM 392 N NH1  . ARG A 1 45 ? -5.923  -5.146  -2.289  1.00 0.00 ? 45 ARG A NH1  1 
ATOM 393 N NH2  . ARG A 1 45 ? -4.579  -6.462  -1.008  1.00 0.00 ? 45 ARG A NH2  1 
ATOM 394 H H    . ARG A 1 45 ? -2.226  0.716   -2.091  1.00 0.00 ? 45 ARG A H    1 
ATOM 395 H HE   . ARG A 1 45 ? -3.845  -4.280  0.020   1.00 0.00 ? 45 ARG A HE   1 
ATOM 396 H HH11 . ARG A 1 45 ? -6.301  -4.247  -2.528  1.00 0.00 ? 45 ARG A HH11 1 
ATOM 397 H HH12 . ARG A 1 45 ? -6.170  -5.956  -2.817  1.00 0.00 ? 45 ARG A HH12 1 
ATOM 398 H HH21 . ARG A 1 45 ? -3.950  -6.620  -0.243  1.00 0.00 ? 45 ARG A HH21 1 
ATOM 399 H HH22 . ARG A 1 45 ? -4.893  -7.236  -1.558  1.00 0.00 ? 45 ARG A HH22 1 
ATOM 400 N N    . LYS A 1 46 ? -2.375  -2.156  -4.824  1.00 0.00 ? 46 LYS A N    1 
ATOM 401 C CA   . LYS A 1 46 ? -2.952  -2.376  -6.163  1.00 0.00 ? 46 LYS A CA   1 
ATOM 402 C C    . LYS A 1 46 ? -4.278  -3.123  -5.989  1.00 0.00 ? 46 LYS A C    1 
ATOM 403 O O    . LYS A 1 46 ? -4.318  -4.318  -5.698  1.00 0.00 ? 46 LYS A O    1 
ATOM 404 C CB   . LYS A 1 46 ? -1.985  -3.149  -7.060  1.00 0.00 ? 46 LYS A CB   1 
ATOM 405 C CG   . LYS A 1 46 ? -2.472  -3.075  -8.515  1.00 0.00 ? 46 LYS A CG   1 
ATOM 406 C CD   . LYS A 1 46 ? -1.544  -3.833  -9.468  1.00 0.00 ? 46 LYS A CD   1 
ATOM 407 C CE   . LYS A 1 46 ? -2.103  -3.812  -10.892 1.00 0.00 ? 46 LYS A CE   1 
ATOM 408 N NZ   . LYS A 1 46 ? -2.099  -2.453  -11.442 1.00 0.00 ? 46 LYS A NZ   1 
ATOM 409 H H    . LYS A 1 46 ? -1.612  -2.739  -4.574  1.00 0.00 ? 46 LYS A H    1 
ATOM 410 H HZ1  . LYS A 1 46 ? -2.543  -1.825  -10.799 1.00 0.00 ? 46 LYS A HZ1  1 
ATOM 411 H HZ2  . LYS A 1 46 ? -1.161  -2.165  -11.631 1.00 0.00 ? 46 LYS A HZ2  1 
ATOM 412 H HZ3  . LYS A 1 46 ? -2.625  -2.446  -12.296 1.00 0.00 ? 46 LYS A HZ3  1 
ATOM 413 N N    . LYS A 1 47 ? -5.333  -2.315  -5.996  1.00 0.00 ? 47 LYS A N    1 
ATOM 414 C CA   . LYS A 1 47 ? -6.707  -2.812  -5.836  1.00 0.00 ? 47 LYS A CA   1 
ATOM 415 C C    . LYS A 1 47 ? -7.491  -2.583  -7.132  1.00 0.00 ? 47 LYS A C    1 
ATOM 416 O O    . LYS A 1 47 ? -7.323  -1.589  -7.831  1.00 0.00 ? 47 LYS A O    1 
ATOM 417 C CB   . LYS A 1 47 ? -7.379  -2.183  -4.605  1.00 0.00 ? 47 LYS A CB   1 
ATOM 418 C CG   . LYS A 1 47 ? -7.785  -0.718  -4.713  1.00 0.00 ? 47 LYS A CG   1 
ATOM 419 C CD   . LYS A 1 47 ? -9.202  -0.595  -5.286  1.00 0.00 ? 47 LYS A CD   1 
ATOM 420 C CE   . LYS A 1 47 ? -9.487  0.800   -5.840  1.00 0.00 ? 47 LYS A CE   1 
ATOM 421 N NZ   . LYS A 1 47 ? -9.664  1.760   -4.745  1.00 0.00 ? 47 LYS A NZ   1 
ATOM 422 H H    . LYS A 1 47 ? -5.238  -1.347  -6.240  1.00 0.00 ? 47 LYS A H    1 
ATOM 423 H HZ1  . LYS A 1 47 ? -8.905  1.668   -4.103  1.00 0.00 ? 47 LYS A HZ1  1 
ATOM 424 H HZ2  . LYS A 1 47 ? -9.687  2.691   -5.108  1.00 0.00 ? 47 LYS A HZ2  1 
ATOM 425 H HZ3  . LYS A 1 47 ? -10.524 1.563   -4.270  1.00 0.00 ? 47 LYS A HZ3  1 
ATOM 426 N N    . LYS A 1 48 ? -8.224  -3.632  -7.501  1.00 0.00 ? 48 LYS A N    1 
ATOM 427 C CA   . LYS A 1 48 ? -9.174  -3.591  -8.617  1.00 0.00 ? 48 LYS A CA   1 
ATOM 428 C C    . LYS A 1 48 ? -10.572 -3.130  -8.182  1.00 0.00 ? 48 LYS A C    1 
ATOM 429 O O    . LYS A 1 48 ? -11.197 -2.382  -8.970  1.00 0.00 ? 48 LYS A O    1 
ATOM 430 C CB   . LYS A 1 48 ? -9.234  -4.968  -9.285  1.00 0.00 ? 48 LYS A CB   1 
ATOM 431 C CG   . LYS A 1 48 ? -8.174  -5.195  -10.367 1.00 0.00 ? 48 LYS A CG   1 
ATOM 432 C CD   . LYS A 1 48 ? -6.715  -5.011  -9.979  1.00 0.00 ? 48 LYS A CD   1 
ATOM 433 C CE   . LYS A 1 48 ? -6.214  -6.001  -8.919  1.00 0.00 ? 48 LYS A CE   1 
ATOM 434 N NZ   . LYS A 1 48 ? -4.873  -5.571  -8.490  1.00 0.00 ? 48 LYS A NZ   1 
ATOM 435 O OXT  . LYS A 1 48 ? -10.980 -3.506  -7.067  1.00 0.00 ? 48 LYS A OXT  1 
ATOM 436 H H    . LYS A 1 48 ? -8.035  -4.544  -7.120  1.00 0.00 ? 48 LYS A H    1 
ATOM 437 H HZ1  . LYS A 1 48 ? -4.859  -4.576  -8.369  1.00 0.00 ? 48 LYS A HZ1  1 
ATOM 438 H HZ2  . LYS A 1 48 ? -4.643  -6.002  -7.613  1.00 0.00 ? 48 LYS A HZ2  1 
ATOM 439 H HZ3  . LYS A 1 48 ? -4.195  -5.842  -9.167  1.00 0.00 ? 48 LYS A HZ3  1 
# 
